data_7E6O
#
_entry.id   7E6O
#
_cell.length_a   77.710
_cell.length_b   86.892
_cell.length_c   134.807
_cell.angle_alpha   90.000
_cell.angle_beta   90.000
_cell.angle_gamma   90.000
#
_symmetry.space_group_name_H-M   'P 21 21 21'
#
loop_
_entity.id
_entity.type
_entity.pdbx_description
1 polymer 'Short-chain dehydrogenase/reductase SDR'
2 water water
#
_entity_poly.entity_id   1
_entity_poly.type   'polypeptide(L)'
_entity_poly.pdbx_seq_one_letter_code
;MGHHHHHHMRLQGKTALITGAARGIGLEFARAYIAEGARVALADINADAVRAAVESLGPQAVAVQMDVTRQDSIDAGFAE
VIGTFGHLDILVNNAALFTAAPVEEVTRADYDRVMAVNMTGAFFCMQAAAKHMIARGKGGKIINMASQAGRRGEPLVAVY
CASKAAVISMTQSAGLGLIRHGINVNAIAPGVVDGEHWDMVDEHFARFEGLKPGEKKKLVGAAVPFGRMGVASDLTGMAI
FLATAEAEYIVGQTFGVDGGNWLA
;
_entity_poly.pdbx_strand_id   C,A,B,D
#
# COMPACT_ATOMS: atom_id res chain seq x y z
N MET A 9 -26.76 -22.50 -5.42
CA MET A 9 -25.92 -23.62 -4.92
C MET A 9 -24.52 -23.54 -5.56
N ARG A 10 -23.80 -22.47 -5.21
CA ARG A 10 -22.48 -22.11 -5.77
C ARG A 10 -21.34 -22.96 -5.19
N LEU A 11 -21.58 -23.75 -4.13
CA LEU A 11 -20.56 -24.65 -3.50
C LEU A 11 -21.10 -26.09 -3.40
N GLN A 12 -21.94 -26.50 -4.34
CA GLN A 12 -22.60 -27.83 -4.33
C GLN A 12 -21.51 -28.91 -4.35
N GLY A 13 -21.53 -29.81 -3.38
CA GLY A 13 -20.62 -30.96 -3.29
C GLY A 13 -19.25 -30.59 -2.73
N LYS A 14 -19.03 -29.34 -2.33
CA LYS A 14 -17.73 -28.93 -1.75
C LYS A 14 -17.72 -29.23 -0.24
N THR A 15 -16.53 -29.39 0.32
CA THR A 15 -16.33 -29.63 1.77
C THR A 15 -15.49 -28.47 2.28
N ALA A 16 -15.82 -27.94 3.45
CA ALA A 16 -15.10 -26.82 4.06
C ALA A 16 -14.76 -27.14 5.50
N LEU A 17 -13.67 -26.55 5.99
CA LEU A 17 -13.35 -26.47 7.45
C LEU A 17 -13.26 -24.99 7.81
N ILE A 18 -14.04 -24.56 8.79
CA ILE A 18 -13.96 -23.18 9.33
C ILE A 18 -13.51 -23.26 10.79
N THR A 19 -12.40 -22.60 11.16
CA THR A 19 -11.92 -22.46 12.58
C THR A 19 -12.65 -21.30 13.27
N GLY A 20 -12.78 -21.36 14.59
CA GLY A 20 -13.57 -20.44 15.46
C GLY A 20 -15.02 -20.29 14.99
N ALA A 21 -15.68 -21.40 14.66
CA ALA A 21 -16.96 -21.38 13.93
C ALA A 21 -18.15 -21.53 14.89
N ALA A 22 -17.91 -21.55 16.20
CA ALA A 22 -18.98 -21.75 17.20
C ALA A 22 -19.88 -20.52 17.25
N ARG A 23 -19.36 -19.33 16.93
CA ARG A 23 -20.09 -18.03 17.15
C ARG A 23 -19.65 -16.99 16.09
N GLY A 24 -20.38 -15.87 16.03
CA GLY A 24 -20.00 -14.66 15.29
C GLY A 24 -19.74 -14.94 13.81
N ILE A 25 -18.69 -14.35 13.25
CA ILE A 25 -18.44 -14.39 11.78
C ILE A 25 -18.30 -15.84 11.33
N GLY A 26 -17.61 -16.68 12.07
CA GLY A 26 -17.34 -18.07 11.62
C GLY A 26 -18.61 -18.89 11.49
N LEU A 27 -19.56 -18.69 12.40
CA LEU A 27 -20.86 -19.40 12.46
C LEU A 27 -21.67 -18.99 11.22
N GLU A 28 -21.63 -17.70 10.90
CA GLU A 28 -22.36 -17.10 9.75
C GLU A 28 -21.79 -17.66 8.45
N PHE A 29 -20.48 -17.80 8.32
CA PHE A 29 -19.84 -18.41 7.12
C PHE A 29 -20.28 -19.88 6.95
N ALA A 30 -20.28 -20.67 8.03
CA ALA A 30 -20.77 -22.07 8.05
C ALA A 30 -22.23 -22.13 7.58
N ARG A 31 -23.08 -21.26 8.10
N ARG A 31 -23.07 -21.24 8.09
CA ARG A 31 -24.51 -21.20 7.68
CA ARG A 31 -24.51 -21.18 7.72
C ARG A 31 -24.58 -20.96 6.18
C ARG A 31 -24.64 -20.91 6.22
N ALA A 32 -23.90 -19.91 5.69
CA ALA A 32 -24.02 -19.47 4.27
C ALA A 32 -23.48 -20.58 3.37
N TYR A 33 -22.38 -21.22 3.77
CA TYR A 33 -21.75 -22.31 2.99
C TYR A 33 -22.74 -23.49 2.92
N ILE A 34 -23.40 -23.85 4.02
CA ILE A 34 -24.40 -24.95 3.99
C ILE A 34 -25.55 -24.56 3.05
N ALA A 35 -26.03 -23.32 3.13
CA ALA A 35 -27.09 -22.81 2.23
C ALA A 35 -26.67 -22.91 0.75
N GLU A 36 -25.37 -22.93 0.44
CA GLU A 36 -24.85 -23.05 -0.95
C GLU A 36 -24.49 -24.50 -1.28
N GLY A 37 -24.83 -25.44 -0.40
CA GLY A 37 -24.79 -26.89 -0.64
C GLY A 37 -23.46 -27.54 -0.27
N ALA A 38 -22.65 -26.86 0.55
CA ALA A 38 -21.36 -27.36 1.07
C ALA A 38 -21.61 -28.22 2.30
N ARG A 39 -20.69 -29.14 2.55
CA ARG A 39 -20.56 -29.84 3.87
C ARG A 39 -19.52 -29.05 4.66
N VAL A 40 -19.77 -28.76 5.93
CA VAL A 40 -18.90 -27.84 6.69
C VAL A 40 -18.49 -28.49 8.02
N ALA A 41 -17.20 -28.63 8.26
CA ALA A 41 -16.63 -28.96 9.58
C ALA A 41 -16.39 -27.65 10.34
N LEU A 42 -17.06 -27.49 11.46
CA LEU A 42 -16.92 -26.33 12.37
C LEU A 42 -15.94 -26.69 13.46
N ALA A 43 -14.82 -25.97 13.53
CA ALA A 43 -13.76 -26.21 14.53
C ALA A 43 -13.76 -25.09 15.55
N ASP A 44 -13.57 -25.45 16.83
CA ASP A 44 -13.45 -24.49 17.95
C ASP A 44 -12.79 -25.23 19.11
N ILE A 45 -12.14 -24.48 20.00
CA ILE A 45 -11.47 -25.09 21.19
C ILE A 45 -12.53 -25.70 22.11
N ASN A 46 -13.75 -25.15 22.12
CA ASN A 46 -14.84 -25.54 23.04
C ASN A 46 -15.80 -26.55 22.37
N ALA A 47 -15.71 -27.84 22.73
CA ALA A 47 -16.46 -28.96 22.09
C ALA A 47 -17.98 -28.76 22.27
N ASP A 48 -18.43 -28.33 23.46
CA ASP A 48 -19.84 -28.08 23.72
C ASP A 48 -20.43 -27.00 22.83
N ALA A 49 -19.70 -25.90 22.63
CA ALA A 49 -20.14 -24.73 21.84
C ALA A 49 -20.27 -25.11 20.37
N VAL A 50 -19.31 -25.86 19.85
CA VAL A 50 -19.29 -26.30 18.43
C VAL A 50 -20.32 -27.43 18.23
N ARG A 51 -20.58 -28.29 19.23
CA ARG A 51 -21.71 -29.25 19.19
C ARG A 51 -23.03 -28.44 19.05
N ALA A 52 -23.23 -27.43 19.88
CA ALA A 52 -24.44 -26.60 19.84
C ALA A 52 -24.59 -25.96 18.47
N ALA A 53 -23.52 -25.39 17.93
CA ALA A 53 -23.59 -24.70 16.62
C ALA A 53 -24.01 -25.71 15.55
N VAL A 54 -23.40 -26.91 15.55
CA VAL A 54 -23.68 -27.97 14.55
C VAL A 54 -25.17 -28.30 14.65
N GLU A 55 -25.66 -28.42 15.88
CA GLU A 55 -27.09 -28.69 16.15
C GLU A 55 -27.98 -27.60 15.50
N SER A 56 -27.54 -26.34 15.48
CA SER A 56 -28.34 -25.24 14.87
C SER A 56 -28.25 -25.28 13.34
N LEU A 57 -27.25 -25.91 12.74
CA LEU A 57 -27.02 -25.82 11.27
C LEU A 57 -27.60 -27.04 10.56
N GLY A 58 -27.60 -28.19 11.25
CA GLY A 58 -28.20 -29.44 10.78
C GLY A 58 -27.17 -30.42 10.24
N PRO A 59 -27.63 -31.43 9.49
CA PRO A 59 -26.81 -32.62 9.20
C PRO A 59 -25.70 -32.37 8.18
N GLN A 60 -25.67 -31.21 7.51
CA GLN A 60 -24.54 -30.86 6.59
C GLN A 60 -23.34 -30.35 7.41
N ALA A 61 -23.48 -30.14 8.72
CA ALA A 61 -22.42 -29.61 9.58
C ALA A 61 -21.87 -30.73 10.47
N VAL A 62 -20.58 -30.71 10.78
CA VAL A 62 -19.98 -31.66 11.75
C VAL A 62 -19.12 -30.82 12.70
N ALA A 63 -19.00 -31.26 13.94
CA ALA A 63 -18.25 -30.55 14.98
C ALA A 63 -16.87 -31.19 15.09
N VAL A 64 -15.83 -30.38 15.20
CA VAL A 64 -14.44 -30.80 15.52
C VAL A 64 -13.91 -29.92 16.67
N GLN A 65 -13.41 -30.54 17.72
CA GLN A 65 -12.70 -29.81 18.80
C GLN A 65 -11.26 -29.62 18.27
N MET A 66 -10.75 -28.40 18.25
CA MET A 66 -9.36 -28.11 17.81
C MET A 66 -8.84 -26.89 18.55
N ASP A 67 -7.64 -27.02 19.10
CA ASP A 67 -6.88 -25.92 19.62
C ASP A 67 -5.81 -25.57 18.58
N VAL A 68 -6.02 -24.45 17.90
CA VAL A 68 -5.15 -24.07 16.74
C VAL A 68 -3.75 -23.66 17.23
N THR A 69 -3.57 -23.39 18.52
CA THR A 69 -2.24 -23.11 19.11
C THR A 69 -1.38 -24.39 19.28
N ARG A 70 -1.89 -25.60 19.04
CA ARG A 70 -1.11 -26.86 19.25
C ARG A 70 -1.04 -27.71 17.97
N GLN A 71 0.15 -28.05 17.53
CA GLN A 71 0.37 -28.86 16.29
C GLN A 71 -0.37 -30.20 16.40
N ASP A 72 -0.27 -30.90 17.53
CA ASP A 72 -0.95 -32.22 17.62
C ASP A 72 -2.50 -32.09 17.50
N SER A 73 -3.08 -31.00 18.01
CA SER A 73 -4.54 -30.78 17.94
C SER A 73 -4.93 -30.40 16.51
N ILE A 74 -4.08 -29.64 15.82
CA ILE A 74 -4.24 -29.31 14.36
C ILE A 74 -4.22 -30.61 13.57
N ASP A 75 -3.20 -31.47 13.75
CA ASP A 75 -3.10 -32.69 12.94
C ASP A 75 -4.30 -33.65 13.16
N ALA A 76 -4.73 -33.78 14.41
CA ALA A 76 -5.87 -34.63 14.80
C ALA A 76 -7.16 -34.06 14.21
N GLY A 77 -7.34 -32.73 14.23
CA GLY A 77 -8.57 -32.11 13.73
C GLY A 77 -8.70 -32.34 12.24
N PHE A 78 -7.62 -32.10 11.50
CA PHE A 78 -7.57 -32.29 10.04
C PHE A 78 -7.79 -33.77 9.71
N ALA A 79 -7.13 -34.69 10.43
CA ALA A 79 -7.31 -36.17 10.30
C ALA A 79 -8.78 -36.54 10.46
N GLU A 80 -9.47 -35.95 11.44
CA GLU A 80 -10.90 -36.21 11.70
C GLU A 80 -11.78 -35.70 10.53
N VAL A 81 -11.54 -34.50 10.05
CA VAL A 81 -12.31 -33.89 8.92
C VAL A 81 -12.08 -34.72 7.64
N ILE A 82 -10.83 -35.05 7.33
CA ILE A 82 -10.51 -35.85 6.11
C ILE A 82 -11.14 -37.25 6.27
N GLY A 83 -11.08 -37.83 7.46
CA GLY A 83 -11.71 -39.14 7.77
C GLY A 83 -13.21 -39.12 7.54
N THR A 84 -13.89 -38.05 7.91
CA THR A 84 -15.36 -37.88 7.80
C THR A 84 -15.73 -37.51 6.37
N PHE A 85 -15.08 -36.52 5.76
CA PHE A 85 -15.49 -35.97 4.45
C PHE A 85 -14.77 -36.70 3.32
N GLY A 86 -13.63 -37.34 3.61
CA GLY A 86 -12.78 -37.95 2.58
C GLY A 86 -11.73 -36.97 2.07
N HIS A 87 -12.12 -35.70 1.88
CA HIS A 87 -11.23 -34.63 1.36
C HIS A 87 -11.69 -33.26 1.87
N LEU A 88 -10.81 -32.26 1.77
CA LEU A 88 -11.12 -30.87 2.14
C LEU A 88 -10.89 -29.95 0.93
N ASP A 89 -11.98 -29.33 0.41
CA ASP A 89 -11.93 -28.37 -0.67
C ASP A 89 -11.53 -26.94 -0.21
N ILE A 90 -11.99 -26.54 0.99
CA ILE A 90 -11.95 -25.13 1.47
C ILE A 90 -11.52 -25.07 2.95
N LEU A 91 -10.50 -24.28 3.27
CA LEU A 91 -10.21 -23.88 4.67
C LEU A 91 -10.54 -22.41 4.83
N VAL A 92 -11.33 -22.06 5.85
CA VAL A 92 -11.52 -20.66 6.29
C VAL A 92 -10.81 -20.53 7.65
N ASN A 93 -9.68 -19.79 7.68
CA ASN A 93 -8.92 -19.52 8.92
C ASN A 93 -9.56 -18.34 9.62
N ASN A 94 -10.41 -18.56 10.63
CA ASN A 94 -11.23 -17.48 11.21
C ASN A 94 -10.94 -17.32 12.70
N ALA A 95 -10.32 -18.29 13.37
CA ALA A 95 -10.02 -18.20 14.83
C ALA A 95 -9.15 -16.97 15.07
N ALA A 96 -9.54 -16.13 16.01
CA ALA A 96 -8.79 -14.92 16.38
C ALA A 96 -9.11 -14.50 17.81
N LEU A 97 -8.11 -13.89 18.47
CA LEU A 97 -8.21 -13.26 19.80
C LEU A 97 -7.85 -11.79 19.61
N PHE A 98 -8.47 -10.92 20.42
CA PHE A 98 -8.17 -9.48 20.48
C PHE A 98 -7.49 -9.17 21.83
N THR A 99 -6.58 -8.22 21.79
CA THR A 99 -5.96 -7.59 23.00
C THR A 99 -5.67 -6.15 22.63
N ALA A 100 -5.51 -5.29 23.63
CA ALA A 100 -5.17 -3.87 23.49
C ALA A 100 -4.31 -3.48 24.70
N ALA A 101 -3.41 -2.53 24.52
CA ALA A 101 -2.43 -2.10 25.53
C ALA A 101 -1.42 -1.24 24.80
N PRO A 102 -0.97 -0.12 25.42
CA PRO A 102 0.11 0.69 24.87
C PRO A 102 1.36 -0.20 24.79
N VAL A 103 2.22 0.00 23.80
CA VAL A 103 3.41 -0.86 23.55
C VAL A 103 4.24 -0.99 24.86
N GLU A 104 4.36 0.09 25.66
CA GLU A 104 5.18 0.13 26.91
C GLU A 104 4.57 -0.74 28.01
N GLU A 105 3.31 -1.21 27.86
CA GLU A 105 2.59 -2.03 28.86
C GLU A 105 2.31 -3.45 28.36
N VAL A 106 2.59 -3.77 27.10
CA VAL A 106 2.24 -5.12 26.58
C VAL A 106 3.02 -6.20 27.36
N THR A 107 2.29 -7.21 27.83
CA THR A 107 2.85 -8.34 28.62
C THR A 107 3.17 -9.48 27.66
N ARG A 108 4.15 -10.27 28.03
CA ARG A 108 4.58 -11.48 27.27
C ARG A 108 3.37 -12.41 27.12
N ALA A 109 2.52 -12.49 28.15
CA ALA A 109 1.34 -13.39 28.20
C ALA A 109 0.32 -12.99 27.12
N ASP A 110 -0.04 -11.70 27.00
CA ASP A 110 -1.01 -11.28 26.01
C ASP A 110 -0.42 -11.44 24.62
N TYR A 111 0.84 -11.05 24.45
CA TYR A 111 1.59 -11.16 23.19
C TYR A 111 1.53 -12.62 22.75
N ASP A 112 2.02 -13.52 23.59
CA ASP A 112 2.13 -14.91 23.22
C ASP A 112 0.75 -15.49 22.82
N ARG A 113 -0.29 -15.14 23.55
CA ARG A 113 -1.59 -15.81 23.38
C ARG A 113 -2.26 -15.29 22.09
N VAL A 114 -2.11 -14.01 21.75
CA VAL A 114 -2.71 -13.44 20.52
C VAL A 114 -1.90 -13.89 19.30
N MET A 115 -0.58 -13.88 19.37
CA MET A 115 0.25 -14.37 18.24
C MET A 115 -0.01 -15.87 17.99
N ALA A 116 -0.08 -16.70 19.03
CA ALA A 116 -0.25 -18.18 18.90
C ALA A 116 -1.53 -18.52 18.10
N VAL A 117 -2.64 -17.80 18.35
CA VAL A 117 -3.94 -18.03 17.67
C VAL A 117 -3.88 -17.35 16.30
N ASN A 118 -3.66 -16.02 16.26
CA ASN A 118 -3.98 -15.17 15.08
C ASN A 118 -2.98 -15.44 13.96
N MET A 119 -1.72 -15.64 14.32
CA MET A 119 -0.63 -15.75 13.35
C MET A 119 -0.18 -17.22 13.23
N THR A 120 0.33 -17.79 14.31
CA THR A 120 0.95 -19.15 14.24
C THR A 120 -0.13 -20.20 13.92
N GLY A 121 -1.25 -20.14 14.64
CA GLY A 121 -2.43 -20.98 14.43
C GLY A 121 -2.94 -20.90 13.00
N ALA A 122 -3.07 -19.70 12.45
CA ALA A 122 -3.48 -19.51 11.06
C ALA A 122 -2.44 -20.15 10.11
N PHE A 123 -1.16 -19.97 10.41
CA PHE A 123 -0.09 -20.45 9.52
C PHE A 123 -0.17 -21.97 9.41
N PHE A 124 -0.14 -22.65 10.56
CA PHE A 124 0.00 -24.12 10.59
C PHE A 124 -1.33 -24.80 10.20
N CYS A 125 -2.50 -24.16 10.35
CA CYS A 125 -3.77 -24.67 9.78
C CYS A 125 -3.73 -24.55 8.25
N MET A 126 -3.27 -23.42 7.74
CA MET A 126 -3.03 -23.23 6.28
C MET A 126 -2.10 -24.34 5.75
N GLN A 127 -1.03 -24.66 6.48
CA GLN A 127 -0.04 -25.69 6.10
C GLN A 127 -0.75 -27.04 6.05
N ALA A 128 -1.58 -27.34 7.04
CA ALA A 128 -2.26 -28.67 7.13
C ALA A 128 -3.21 -28.80 5.93
N ALA A 129 -3.99 -27.77 5.60
CA ALA A 129 -4.90 -27.79 4.43
C ALA A 129 -4.04 -27.98 3.18
N ALA A 130 -2.97 -27.18 3.06
CA ALA A 130 -2.09 -27.12 1.88
C ALA A 130 -1.52 -28.51 1.62
N LYS A 131 -0.98 -29.17 2.63
CA LYS A 131 -0.38 -30.53 2.48
C LYS A 131 -1.43 -31.51 1.93
N HIS A 132 -2.63 -31.49 2.50
CA HIS A 132 -3.76 -32.35 2.08
C HIS A 132 -4.17 -32.02 0.63
N MET A 133 -4.23 -30.74 0.26
CA MET A 133 -4.67 -30.33 -1.11
C MET A 133 -3.57 -30.66 -2.14
N ILE A 134 -2.30 -30.55 -1.76
CA ILE A 134 -1.18 -30.92 -2.69
C ILE A 134 -1.28 -32.42 -2.95
N ALA A 135 -1.40 -33.24 -1.91
CA ALA A 135 -1.36 -34.72 -2.00
C ALA A 135 -2.52 -35.18 -2.89
N ARG A 136 -3.69 -34.59 -2.73
CA ARG A 136 -4.91 -34.97 -3.46
C ARG A 136 -4.79 -34.59 -4.95
N GLY A 137 -4.19 -33.45 -5.28
CA GLY A 137 -3.95 -33.03 -6.66
C GLY A 137 -5.18 -32.50 -7.36
N LYS A 138 -6.20 -32.04 -6.65
CA LYS A 138 -7.43 -31.51 -7.28
C LYS A 138 -7.62 -30.04 -6.90
N GLY A 139 -6.58 -29.38 -6.42
CA GLY A 139 -6.65 -27.98 -6.02
C GLY A 139 -7.40 -27.79 -4.72
N GLY A 140 -7.81 -26.55 -4.46
CA GLY A 140 -8.58 -26.12 -3.28
C GLY A 140 -8.55 -24.63 -3.05
N LYS A 141 -9.13 -24.21 -1.95
CA LYS A 141 -9.34 -22.79 -1.59
C LYS A 141 -8.94 -22.62 -0.14
N ILE A 142 -8.11 -21.62 0.15
CA ILE A 142 -7.81 -21.23 1.54
C ILE A 142 -8.14 -19.76 1.69
N ILE A 143 -9.02 -19.41 2.62
CA ILE A 143 -9.41 -18.00 2.89
C ILE A 143 -9.00 -17.63 4.32
N ASN A 144 -8.04 -16.71 4.47
CA ASN A 144 -7.58 -16.19 5.78
C ASN A 144 -8.45 -14.98 6.16
N MET A 145 -8.87 -14.87 7.41
CA MET A 145 -9.53 -13.63 7.91
C MET A 145 -8.45 -12.72 8.46
N ALA A 146 -8.19 -11.62 7.77
CA ALA A 146 -7.29 -10.55 8.18
C ALA A 146 -8.14 -9.47 8.87
N SER A 147 -7.81 -8.20 8.72
CA SER A 147 -8.54 -7.10 9.39
C SER A 147 -8.02 -5.80 8.78
N GLN A 148 -8.81 -4.74 8.79
CA GLN A 148 -8.30 -3.36 8.62
C GLN A 148 -7.04 -3.20 9.49
N ALA A 149 -7.00 -3.79 10.68
CA ALA A 149 -5.86 -3.67 11.62
C ALA A 149 -4.57 -4.20 11.00
N GLY A 150 -4.67 -5.17 10.08
CA GLY A 150 -3.52 -5.72 9.32
C GLY A 150 -2.93 -4.74 8.31
N ARG A 151 -3.65 -3.68 7.92
CA ARG A 151 -3.25 -2.76 6.83
C ARG A 151 -2.37 -1.62 7.38
N ARG A 152 -2.56 -1.22 8.64
CA ARG A 152 -1.89 -0.06 9.26
C ARG A 152 -1.90 -0.26 10.78
N GLY A 153 -0.80 0.04 11.45
CA GLY A 153 -0.75 0.01 12.94
C GLY A 153 -1.68 1.07 13.53
N GLU A 154 -2.08 0.89 14.79
CA GLU A 154 -2.71 1.99 15.57
C GLU A 154 -2.20 1.93 16.99
N PRO A 155 -2.33 3.06 17.73
CA PRO A 155 -1.85 3.10 19.09
C PRO A 155 -2.83 2.21 19.87
N LEU A 156 -2.30 1.47 20.81
CA LEU A 156 -3.07 0.58 21.72
C LEU A 156 -3.26 -0.81 21.12
N VAL A 157 -3.05 -1.02 19.81
CA VAL A 157 -3.44 -2.28 19.12
C VAL A 157 -2.23 -2.90 18.41
N ALA A 158 -1.04 -2.76 18.98
CA ALA A 158 0.23 -3.15 18.30
C ALA A 158 0.27 -4.67 18.04
N VAL A 159 -0.08 -5.46 19.05
CA VAL A 159 -0.03 -6.95 18.97
C VAL A 159 -1.04 -7.49 17.94
N TYR A 160 -2.32 -7.12 18.10
CA TYR A 160 -3.41 -7.47 17.16
C TYR A 160 -3.02 -7.00 15.75
N CYS A 161 -2.62 -5.73 15.56
CA CYS A 161 -2.33 -5.21 14.19
C CYS A 161 -1.20 -6.04 13.57
N ALA A 162 -0.18 -6.38 14.35
CA ALA A 162 1.00 -7.09 13.84
C ALA A 162 0.60 -8.52 13.45
N SER A 163 -0.21 -9.19 14.27
CA SER A 163 -0.71 -10.55 13.98
C SER A 163 -1.47 -10.54 12.64
N LYS A 164 -2.30 -9.52 12.39
CA LYS A 164 -3.10 -9.48 11.14
C LYS A 164 -2.24 -9.05 9.96
N ALA A 165 -1.19 -8.23 10.15
CA ALA A 165 -0.25 -7.88 9.07
C ALA A 165 0.47 -9.15 8.58
N ALA A 166 0.84 -10.02 9.52
CA ALA A 166 1.49 -11.32 9.22
C ALA A 166 0.51 -12.23 8.47
N VAL A 167 -0.78 -12.20 8.84
CA VAL A 167 -1.82 -13.01 8.13
C VAL A 167 -1.88 -12.55 6.65
N ILE A 168 -1.85 -11.24 6.41
CA ILE A 168 -1.86 -10.68 5.02
C ILE A 168 -0.58 -11.14 4.31
N SER A 169 0.57 -11.06 4.94
CA SER A 169 1.85 -11.49 4.35
C SER A 169 1.79 -12.98 3.99
N MET A 170 1.38 -13.84 4.93
CA MET A 170 1.38 -15.31 4.69
C MET A 170 0.33 -15.67 3.62
N THR A 171 -0.78 -14.94 3.57
CA THR A 171 -1.75 -15.06 2.45
C THR A 171 -1.00 -14.86 1.14
N GLN A 172 -0.16 -13.81 1.06
CA GLN A 172 0.55 -13.49 -0.20
C GLN A 172 1.56 -14.60 -0.54
N SER A 173 2.41 -14.94 0.42
CA SER A 173 3.50 -15.93 0.29
C SER A 173 2.90 -17.27 -0.15
N ALA A 174 1.97 -17.82 0.64
CA ALA A 174 1.30 -19.12 0.38
C ALA A 174 0.52 -19.05 -0.95
N GLY A 175 -0.09 -17.91 -1.27
CA GLY A 175 -0.79 -17.69 -2.55
C GLY A 175 0.13 -17.93 -3.75
N LEU A 176 1.32 -17.33 -3.74
CA LEU A 176 2.23 -17.47 -4.90
C LEU A 176 2.86 -18.87 -4.89
N GLY A 177 3.10 -19.45 -3.71
CA GLY A 177 3.71 -20.79 -3.63
C GLY A 177 2.74 -21.88 -4.04
N LEU A 178 1.45 -21.74 -3.73
CA LEU A 178 0.45 -22.85 -3.87
C LEU A 178 -0.35 -22.76 -5.18
N ILE A 179 -0.38 -21.64 -5.90
CA ILE A 179 -1.26 -21.55 -7.11
C ILE A 179 -0.83 -22.60 -8.15
N ARG A 180 0.42 -23.01 -8.19
CA ARG A 180 0.79 -24.03 -9.21
C ARG A 180 0.16 -25.40 -8.86
N HIS A 181 -0.34 -25.60 -7.64
CA HIS A 181 -1.12 -26.82 -7.29
C HIS A 181 -2.63 -26.58 -7.37
N GLY A 182 -3.08 -25.51 -8.03
CA GLY A 182 -4.50 -25.18 -8.17
C GLY A 182 -5.13 -24.77 -6.85
N ILE A 183 -4.31 -24.33 -5.88
CA ILE A 183 -4.81 -23.83 -4.57
C ILE A 183 -4.83 -22.30 -4.64
N ASN A 184 -6.01 -21.72 -4.47
CA ASN A 184 -6.18 -20.25 -4.39
C ASN A 184 -6.21 -19.86 -2.93
N VAL A 185 -5.19 -19.11 -2.49
CA VAL A 185 -5.11 -18.54 -1.12
C VAL A 185 -5.41 -17.05 -1.26
N ASN A 186 -6.40 -16.57 -0.52
CA ASN A 186 -6.80 -15.14 -0.48
C ASN A 186 -7.25 -14.81 0.94
N ALA A 187 -7.49 -13.55 1.25
CA ALA A 187 -7.91 -13.10 2.59
C ALA A 187 -9.05 -12.11 2.49
N ILE A 188 -9.89 -12.02 3.52
CA ILE A 188 -10.94 -10.97 3.69
C ILE A 188 -10.52 -10.10 4.89
N ALA A 189 -10.53 -8.78 4.73
CA ALA A 189 -10.17 -7.81 5.77
C ALA A 189 -11.44 -7.06 6.13
N PRO A 190 -12.17 -7.53 7.16
CA PRO A 190 -13.32 -6.80 7.66
C PRO A 190 -12.87 -5.49 8.32
N GLY A 191 -13.82 -4.59 8.49
CA GLY A 191 -13.63 -3.28 9.15
C GLY A 191 -13.98 -3.39 10.62
N VAL A 192 -14.89 -2.57 11.12
CA VAL A 192 -15.38 -2.70 12.52
C VAL A 192 -16.71 -3.45 12.43
N VAL A 193 -16.77 -4.62 13.05
CA VAL A 193 -17.98 -5.49 13.01
C VAL A 193 -18.79 -5.32 14.30
N ASP A 194 -20.11 -5.23 14.16
CA ASP A 194 -21.05 -4.95 15.25
C ASP A 194 -21.26 -6.12 16.21
N GLY A 195 -22.12 -5.87 17.21
CA GLY A 195 -22.63 -6.86 18.17
C GLY A 195 -21.52 -7.45 19.03
N GLU A 196 -21.19 -8.71 18.77
CA GLU A 196 -20.43 -9.60 19.69
C GLU A 196 -18.92 -9.36 19.46
N HIS A 197 -18.52 -9.13 18.21
CA HIS A 197 -17.13 -8.79 17.78
C HIS A 197 -16.74 -7.44 18.42
N TRP A 198 -17.57 -6.41 18.26
CA TRP A 198 -17.33 -5.07 18.85
C TRP A 198 -17.12 -5.19 20.36
N ASP A 199 -17.98 -5.98 21.02
CA ASP A 199 -17.99 -6.12 22.46
C ASP A 199 -16.68 -6.70 22.97
N MET A 200 -16.09 -7.65 22.21
CA MET A 200 -14.73 -8.21 22.47
C MET A 200 -13.72 -7.07 22.48
N VAL A 201 -13.73 -6.25 21.42
CA VAL A 201 -12.82 -5.07 21.24
C VAL A 201 -13.08 -4.07 22.37
N ASP A 202 -14.33 -3.68 22.58
CA ASP A 202 -14.69 -2.69 23.59
C ASP A 202 -14.20 -3.07 25.01
N GLU A 203 -14.25 -4.37 25.34
CA GLU A 203 -13.92 -4.84 26.70
C GLU A 203 -12.43 -4.63 26.96
N HIS A 204 -11.56 -4.67 25.92
CA HIS A 204 -10.09 -4.48 26.05
C HIS A 204 -9.70 -3.00 26.05
N PHE A 205 -10.62 -2.06 25.80
CA PHE A 205 -10.36 -0.59 25.83
C PHE A 205 -10.89 0.05 27.13
N ALA A 206 -11.29 -0.75 28.13
CA ALA A 206 -11.90 -0.26 29.39
C ALA A 206 -10.88 0.57 30.17
N ARG A 207 -9.64 0.05 30.28
CA ARG A 207 -8.61 0.53 31.25
C ARG A 207 -7.99 1.85 30.76
N PHE A 208 -8.17 2.21 29.49
CA PHE A 208 -7.44 3.31 28.82
C PHE A 208 -8.32 4.56 28.83
N GLU A 209 -9.35 4.60 27.98
CA GLU A 209 -10.24 5.78 27.83
C GLU A 209 -11.62 5.45 28.39
N GLY A 210 -12.31 4.47 27.80
CA GLY A 210 -13.69 4.06 28.13
C GLY A 210 -14.70 5.19 28.01
N LEU A 211 -14.40 6.20 27.17
CA LEU A 211 -15.14 7.50 27.06
C LEU A 211 -16.66 7.24 27.10
N LYS A 212 -17.28 7.37 28.28
CA LYS A 212 -18.76 7.39 28.49
C LYS A 212 -19.39 6.08 28.01
N PRO A 213 -20.31 5.46 28.80
CA PRO A 213 -20.84 4.13 28.46
C PRO A 213 -21.58 4.10 27.10
N GLY A 214 -20.92 3.63 26.03
CA GLY A 214 -21.53 3.27 24.73
C GLY A 214 -21.58 4.40 23.72
N GLU A 215 -20.92 5.55 23.99
CA GLU A 215 -20.81 6.69 23.03
C GLU A 215 -19.75 6.35 21.99
N LYS A 216 -18.60 5.84 22.43
CA LYS A 216 -17.51 5.27 21.58
C LYS A 216 -18.10 4.47 20.41
N LYS A 217 -19.09 3.61 20.67
CA LYS A 217 -19.65 2.67 19.66
C LYS A 217 -20.34 3.45 18.53
N LYS A 218 -21.23 4.40 18.84
CA LYS A 218 -21.95 5.16 17.79
C LYS A 218 -20.95 6.10 17.08
N LEU A 219 -19.91 6.59 17.76
CA LEU A 219 -18.90 7.46 17.11
C LEU A 219 -18.17 6.66 16.03
N VAL A 220 -17.57 5.53 16.40
CA VAL A 220 -16.85 4.62 15.47
C VAL A 220 -17.77 4.21 14.32
N GLY A 221 -19.03 3.87 14.63
CA GLY A 221 -20.06 3.53 13.64
C GLY A 221 -20.36 4.68 12.69
N ALA A 222 -20.52 5.89 13.25
CA ALA A 222 -20.84 7.14 12.55
C ALA A 222 -19.69 7.47 11.60
N ALA A 223 -18.46 7.16 12.03
CA ALA A 223 -17.21 7.47 11.30
C ALA A 223 -16.96 6.45 10.17
N VAL A 224 -17.65 5.31 10.16
CA VAL A 224 -17.57 4.37 9.00
C VAL A 224 -18.28 5.05 7.82
N PRO A 225 -17.58 5.30 6.69
CA PRO A 225 -18.20 6.03 5.57
C PRO A 225 -19.58 5.48 5.20
N PHE A 226 -19.76 4.15 5.20
CA PHE A 226 -21.06 3.47 4.91
C PHE A 226 -22.16 3.92 5.88
N GLY A 227 -21.85 4.21 7.14
CA GLY A 227 -22.80 4.83 8.11
C GLY A 227 -23.19 3.91 9.25
N ARG A 228 -22.69 2.67 9.25
CA ARG A 228 -22.81 1.70 10.36
C ARG A 228 -21.60 0.76 10.43
N MET A 229 -21.44 0.17 11.60
CA MET A 229 -20.58 -1.00 11.90
C MET A 229 -21.07 -2.18 11.06
N GLY A 230 -20.16 -3.09 10.73
CA GLY A 230 -20.42 -4.24 9.87
C GLY A 230 -21.27 -5.28 10.58
N VAL A 231 -21.99 -6.07 9.81
CA VAL A 231 -22.64 -7.31 10.31
C VAL A 231 -22.02 -8.48 9.55
N ALA A 232 -22.14 -9.67 10.09
CA ALA A 232 -21.44 -10.86 9.57
C ALA A 232 -21.88 -11.06 8.12
N SER A 233 -23.13 -10.78 7.82
CA SER A 233 -23.74 -11.02 6.49
C SER A 233 -23.20 -10.04 5.43
N ASP A 234 -22.52 -8.95 5.82
CA ASP A 234 -21.74 -8.12 4.87
C ASP A 234 -20.59 -8.90 4.22
N LEU A 235 -20.10 -9.97 4.87
CA LEU A 235 -18.84 -10.69 4.53
C LEU A 235 -19.11 -12.00 3.77
N THR A 236 -20.31 -12.58 3.90
CA THR A 236 -20.63 -13.95 3.44
C THR A 236 -20.50 -14.05 1.90
N GLY A 237 -20.96 -13.03 1.18
CA GLY A 237 -20.88 -12.98 -0.30
C GLY A 237 -19.44 -13.15 -0.75
N MET A 238 -18.52 -12.36 -0.16
CA MET A 238 -17.07 -12.46 -0.46
C MET A 238 -16.55 -13.85 -0.08
N ALA A 239 -16.93 -14.40 1.07
CA ALA A 239 -16.51 -15.74 1.55
C ALA A 239 -16.94 -16.81 0.55
N ILE A 240 -18.13 -16.67 -0.02
CA ILE A 240 -18.63 -17.64 -1.04
C ILE A 240 -17.85 -17.41 -2.34
N PHE A 241 -17.82 -16.16 -2.84
CA PHE A 241 -17.19 -15.84 -4.14
C PHE A 241 -15.76 -16.43 -4.23
N LEU A 242 -14.98 -16.26 -3.18
CA LEU A 242 -13.54 -16.61 -3.19
C LEU A 242 -13.33 -18.13 -3.28
N ALA A 243 -14.35 -18.92 -2.93
CA ALA A 243 -14.36 -20.40 -2.94
C ALA A 243 -14.96 -20.94 -4.24
N THR A 244 -15.26 -20.10 -5.24
CA THR A 244 -15.88 -20.47 -6.53
C THR A 244 -14.87 -20.29 -7.67
N ALA A 245 -15.22 -20.85 -8.81
CA ALA A 245 -14.35 -20.88 -10.01
C ALA A 245 -14.30 -19.48 -10.65
N GLU A 246 -15.29 -18.62 -10.38
CA GLU A 246 -15.32 -17.22 -10.87
C GLU A 246 -14.15 -16.43 -10.24
N ALA A 247 -13.51 -16.99 -9.21
CA ALA A 247 -12.33 -16.40 -8.53
C ALA A 247 -11.05 -17.23 -8.76
N GLU A 248 -10.98 -18.08 -9.79
CA GLU A 248 -9.76 -18.93 -9.96
C GLU A 248 -8.55 -18.08 -10.31
N TYR A 249 -8.72 -16.93 -10.97
CA TYR A 249 -7.61 -16.02 -11.37
C TYR A 249 -7.26 -15.04 -10.24
N ILE A 250 -7.89 -15.14 -9.07
CA ILE A 250 -7.58 -14.28 -7.89
C ILE A 250 -6.60 -15.04 -6.99
N VAL A 251 -5.39 -14.51 -6.81
CA VAL A 251 -4.27 -15.22 -6.13
C VAL A 251 -3.58 -14.28 -5.15
N GLY A 252 -3.52 -14.65 -3.88
CA GLY A 252 -2.71 -13.97 -2.85
C GLY A 252 -3.25 -12.60 -2.41
N GLN A 253 -4.53 -12.30 -2.65
CA GLN A 253 -5.10 -10.93 -2.45
C GLN A 253 -5.78 -10.84 -1.09
N THR A 254 -5.86 -9.64 -0.56
CA THR A 254 -6.66 -9.27 0.63
C THR A 254 -7.71 -8.25 0.18
N PHE A 255 -8.98 -8.59 0.35
CA PHE A 255 -10.13 -7.78 -0.08
C PHE A 255 -10.77 -7.14 1.17
N GLY A 256 -10.70 -5.82 1.22
CA GLY A 256 -11.37 -4.99 2.23
C GLY A 256 -12.88 -5.01 2.04
N VAL A 257 -13.58 -5.50 3.04
CA VAL A 257 -15.07 -5.41 3.11
C VAL A 257 -15.36 -4.71 4.44
N ASP A 258 -15.32 -3.38 4.42
CA ASP A 258 -15.18 -2.56 5.62
C ASP A 258 -15.98 -1.27 5.59
N GLY A 259 -16.92 -1.16 4.64
CA GLY A 259 -17.79 0.03 4.49
C GLY A 259 -17.00 1.30 4.21
N GLY A 260 -15.76 1.17 3.72
CA GLY A 260 -14.87 2.31 3.38
C GLY A 260 -14.01 2.77 4.54
N ASN A 261 -14.02 2.05 5.67
CA ASN A 261 -13.17 2.34 6.86
C ASN A 261 -11.68 2.27 6.50
N TRP A 262 -11.31 1.56 5.44
CA TRP A 262 -9.94 1.52 4.91
C TRP A 262 -10.00 1.40 3.38
N LEU A 263 -8.94 1.81 2.67
CA LEU A 263 -8.88 1.82 1.19
C LEU A 263 -7.65 0.99 0.77
N ALA A 264 -7.79 -0.05 -0.07
CA ALA A 264 -6.65 -0.89 -0.55
C ALA A 264 -6.85 -1.40 -2.00
N MET B 9 27.82 21.70 4.84
CA MET B 9 27.65 22.14 3.41
C MET B 9 27.47 20.92 2.51
N ARG B 10 26.27 20.32 2.48
CA ARG B 10 26.06 19.00 1.85
C ARG B 10 25.83 19.11 0.33
N LEU B 11 25.67 20.32 -0.23
CA LEU B 11 25.34 20.53 -1.67
C LEU B 11 26.33 21.52 -2.30
N GLN B 12 27.53 21.63 -1.75
CA GLN B 12 28.58 22.56 -2.25
C GLN B 12 28.76 22.32 -3.75
N GLY B 13 28.62 23.37 -4.56
CA GLY B 13 28.98 23.27 -6.00
C GLY B 13 27.84 22.70 -6.85
N LYS B 14 26.76 22.25 -6.23
CA LYS B 14 25.61 21.67 -6.96
C LYS B 14 24.73 22.80 -7.47
N THR B 15 24.00 22.55 -8.56
CA THR B 15 22.98 23.49 -9.10
C THR B 15 21.59 22.85 -9.01
N ALA B 16 20.62 23.65 -8.58
CA ALA B 16 19.23 23.23 -8.38
C ALA B 16 18.31 24.19 -9.16
N LEU B 17 17.17 23.66 -9.58
CA LEU B 17 16.02 24.44 -10.08
C LEU B 17 14.80 24.02 -9.25
N ILE B 18 14.09 24.98 -8.67
CA ILE B 18 12.91 24.71 -7.81
C ILE B 18 11.73 25.45 -8.45
N THR B 19 10.68 24.72 -8.87
CA THR B 19 9.48 25.32 -9.51
C THR B 19 8.56 25.79 -8.38
N GLY B 20 7.66 26.72 -8.66
CA GLY B 20 6.81 27.39 -7.63
C GLY B 20 7.60 27.87 -6.42
N ALA B 21 8.75 28.53 -6.59
CA ALA B 21 9.70 28.81 -5.48
C ALA B 21 9.57 30.22 -4.88
N ALA B 22 8.60 31.03 -5.30
CA ALA B 22 8.46 32.44 -4.85
C ALA B 22 8.10 32.48 -3.35
N ARG B 23 7.39 31.46 -2.85
CA ARG B 23 6.74 31.48 -1.51
C ARG B 23 6.67 30.05 -0.95
N GLY B 24 6.32 29.93 0.33
CA GLY B 24 6.05 28.65 1.02
C GLY B 24 7.20 27.68 0.88
N ILE B 25 6.89 26.42 0.59
CA ILE B 25 7.86 25.30 0.72
C ILE B 25 9.03 25.53 -0.24
N GLY B 26 8.76 25.95 -1.48
CA GLY B 26 9.79 26.16 -2.50
C GLY B 26 10.84 27.17 -2.09
N LEU B 27 10.40 28.29 -1.50
CA LEU B 27 11.28 29.40 -1.03
C LEU B 27 12.15 28.86 0.10
N GLU B 28 11.54 28.15 1.06
CA GLU B 28 12.28 27.54 2.19
C GLU B 28 13.31 26.51 1.67
N PHE B 29 12.95 25.68 0.68
CA PHE B 29 13.92 24.76 0.01
C PHE B 29 15.06 25.56 -0.62
N ALA B 30 14.74 26.66 -1.32
CA ALA B 30 15.74 27.54 -1.96
C ALA B 30 16.70 28.04 -0.88
N ARG B 31 16.17 28.61 0.19
CA ARG B 31 16.97 29.13 1.34
C ARG B 31 17.86 28.02 1.87
N ALA B 32 17.35 26.80 2.08
CA ALA B 32 18.10 25.71 2.74
C ALA B 32 19.17 25.18 1.78
N TYR B 33 18.88 25.12 0.48
CA TYR B 33 19.86 24.62 -0.53
C TYR B 33 21.01 25.62 -0.67
N ILE B 34 20.70 26.92 -0.65
CA ILE B 34 21.74 27.99 -0.68
C ILE B 34 22.63 27.87 0.58
N ALA B 35 22.03 27.77 1.77
CA ALA B 35 22.76 27.56 3.04
C ALA B 35 23.66 26.32 2.98
N GLU B 36 23.37 25.33 2.12
CA GLU B 36 24.21 24.11 1.96
C GLU B 36 25.21 24.22 0.79
N GLY B 37 25.38 25.41 0.19
CA GLY B 37 26.43 25.67 -0.83
C GLY B 37 25.93 25.52 -2.26
N ALA B 38 24.63 25.36 -2.48
CA ALA B 38 24.06 25.16 -3.83
C ALA B 38 23.84 26.51 -4.52
N ARG B 39 23.91 26.50 -5.85
CA ARG B 39 23.35 27.58 -6.71
C ARG B 39 21.93 27.15 -6.98
N VAL B 40 20.97 28.06 -6.86
CA VAL B 40 19.52 27.72 -6.98
C VAL B 40 18.87 28.66 -7.98
N ALA B 41 18.23 28.13 -9.03
CA ALA B 41 17.26 28.87 -9.85
C ALA B 41 15.87 28.73 -9.22
N LEU B 42 15.27 29.85 -8.86
CA LEU B 42 13.88 29.88 -8.35
C LEU B 42 12.99 30.20 -9.53
N ALA B 43 12.12 29.27 -9.90
CA ALA B 43 11.24 29.37 -11.09
C ALA B 43 9.82 29.60 -10.57
N ASP B 44 9.09 30.49 -11.20
CA ASP B 44 7.70 30.71 -10.86
C ASP B 44 7.01 31.35 -12.03
N ILE B 45 5.68 31.26 -12.07
CA ILE B 45 4.87 31.92 -13.14
C ILE B 45 4.96 33.45 -12.98
N ASN B 46 5.15 33.89 -11.75
CA ASN B 46 5.27 35.32 -11.34
C ASN B 46 6.75 35.74 -11.29
N ALA B 47 7.22 36.39 -12.36
CA ALA B 47 8.63 36.81 -12.56
C ALA B 47 9.03 37.78 -11.44
N ASP B 48 8.15 38.74 -11.16
CA ASP B 48 8.42 39.76 -10.18
C ASP B 48 8.48 39.19 -8.76
N ALA B 49 7.63 38.22 -8.43
CA ALA B 49 7.62 37.59 -7.10
C ALA B 49 8.94 36.87 -6.89
N VAL B 50 9.43 36.17 -7.91
CA VAL B 50 10.67 35.33 -7.81
C VAL B 50 11.92 36.23 -7.90
N ARG B 51 11.85 37.37 -8.61
CA ARG B 51 12.93 38.40 -8.59
C ARG B 51 13.10 38.94 -7.15
N ALA B 52 12.02 39.17 -6.41
CA ALA B 52 12.07 39.67 -5.00
C ALA B 52 12.69 38.61 -4.07
N ALA B 53 12.31 37.34 -4.23
CA ALA B 53 12.91 36.21 -3.49
C ALA B 53 14.42 36.16 -3.73
N VAL B 54 14.86 36.25 -4.98
CA VAL B 54 16.31 36.20 -5.33
C VAL B 54 17.02 37.34 -4.61
N GLU B 55 16.40 38.53 -4.58
CA GLU B 55 16.92 39.71 -3.86
C GLU B 55 17.17 39.34 -2.38
N SER B 56 16.25 38.68 -1.68
CA SER B 56 16.39 38.37 -0.23
C SER B 56 17.38 37.23 -0.02
N LEU B 57 17.54 36.32 -0.99
CA LEU B 57 18.38 35.11 -0.84
C LEU B 57 19.84 35.42 -1.18
N GLY B 58 20.12 36.39 -2.05
CA GLY B 58 21.51 36.72 -2.42
C GLY B 58 21.88 36.10 -3.76
N PRO B 59 23.12 36.33 -4.24
CA PRO B 59 23.51 35.98 -5.60
C PRO B 59 23.81 34.49 -5.86
N GLN B 60 23.66 33.62 -4.87
CA GLN B 60 23.60 32.15 -5.11
C GLN B 60 22.27 31.81 -5.79
N ALA B 61 21.28 32.70 -5.73
CA ALA B 61 19.93 32.52 -6.31
C ALA B 61 19.82 33.23 -7.67
N VAL B 62 19.11 32.62 -8.64
CA VAL B 62 18.73 33.34 -9.88
C VAL B 62 17.23 33.12 -10.11
N ALA B 63 16.58 34.10 -10.70
CA ALA B 63 15.11 34.14 -10.94
C ALA B 63 14.85 33.63 -12.37
N VAL B 64 13.87 32.75 -12.53
CA VAL B 64 13.43 32.29 -13.89
C VAL B 64 11.92 32.33 -13.93
N GLN B 65 11.35 32.96 -14.96
CA GLN B 65 9.89 33.00 -15.14
C GLN B 65 9.56 31.71 -15.89
N MET B 66 8.61 30.94 -15.36
CA MET B 66 8.23 29.65 -15.97
C MET B 66 6.79 29.32 -15.60
N ASP B 67 6.00 29.04 -16.64
CA ASP B 67 4.67 28.55 -16.50
C ASP B 67 4.77 27.06 -16.85
N VAL B 68 4.68 26.23 -15.82
CA VAL B 68 4.90 24.77 -15.94
C VAL B 68 3.77 24.12 -16.74
N THR B 69 2.70 24.86 -17.05
CA THR B 69 1.57 24.32 -17.86
C THR B 69 1.88 24.43 -19.35
N ARG B 70 2.93 25.13 -19.79
CA ARG B 70 3.22 25.37 -21.23
C ARG B 70 4.57 24.78 -21.62
N GLN B 71 4.59 23.90 -22.62
CA GLN B 71 5.84 23.19 -23.03
C GLN B 71 6.89 24.23 -23.43
N ASP B 72 6.48 25.29 -24.13
CA ASP B 72 7.45 26.29 -24.63
C ASP B 72 8.12 27.00 -23.47
N SER B 73 7.36 27.31 -22.42
CA SER B 73 7.84 28.03 -21.22
C SER B 73 8.75 27.11 -20.40
N ILE B 74 8.46 25.81 -20.33
CA ILE B 74 9.37 24.79 -19.71
C ILE B 74 10.70 24.80 -20.48
N ASP B 75 10.67 24.64 -21.82
CA ASP B 75 11.92 24.58 -22.61
C ASP B 75 12.78 25.87 -22.46
N ALA B 76 12.14 27.04 -22.51
CA ALA B 76 12.82 28.35 -22.34
C ALA B 76 13.43 28.42 -20.94
N GLY B 77 12.67 28.03 -19.89
CA GLY B 77 13.11 28.11 -18.48
C GLY B 77 14.28 27.20 -18.19
N PHE B 78 14.24 25.95 -18.64
CA PHE B 78 15.41 25.03 -18.54
C PHE B 78 16.58 25.60 -19.36
N ALA B 79 16.36 26.12 -20.57
CA ALA B 79 17.43 26.69 -21.42
C ALA B 79 18.16 27.82 -20.68
N GLU B 80 17.42 28.73 -20.03
CA GLU B 80 18.00 29.85 -19.26
C GLU B 80 18.87 29.30 -18.14
N VAL B 81 18.39 28.29 -17.42
CA VAL B 81 19.12 27.80 -16.21
C VAL B 81 20.39 27.10 -16.69
N ILE B 82 20.31 26.29 -17.74
CA ILE B 82 21.49 25.54 -18.25
C ILE B 82 22.46 26.57 -18.85
N GLY B 83 21.94 27.59 -19.54
CA GLY B 83 22.70 28.76 -20.01
C GLY B 83 23.50 29.41 -18.89
N THR B 84 22.84 29.73 -17.77
CA THR B 84 23.41 30.50 -16.64
C THR B 84 24.35 29.63 -15.78
N PHE B 85 24.00 28.37 -15.48
CA PHE B 85 24.76 27.49 -14.57
C PHE B 85 25.71 26.55 -15.34
N GLY B 86 25.50 26.35 -16.65
CA GLY B 86 26.24 25.34 -17.43
C GLY B 86 25.63 23.96 -17.33
N HIS B 87 25.10 23.58 -16.16
CA HIS B 87 24.49 22.24 -15.93
C HIS B 87 23.45 22.34 -14.83
N LEU B 88 22.56 21.34 -14.76
CA LEU B 88 21.55 21.21 -13.70
C LEU B 88 21.72 19.86 -13.00
N ASP B 89 22.03 19.89 -11.69
CA ASP B 89 22.24 18.69 -10.88
C ASP B 89 20.93 18.17 -10.27
N ILE B 90 20.00 19.07 -9.97
CA ILE B 90 18.83 18.82 -9.05
C ILE B 90 17.60 19.57 -9.56
N LEU B 91 16.49 18.87 -9.76
CA LEU B 91 15.19 19.53 -9.97
C LEU B 91 14.30 19.25 -8.78
N VAL B 92 13.68 20.28 -8.22
CA VAL B 92 12.56 20.12 -7.25
C VAL B 92 11.27 20.56 -7.94
N ASN B 93 10.35 19.62 -8.19
CA ASN B 93 9.02 19.84 -8.78
C ASN B 93 8.08 20.25 -7.65
N ASN B 94 7.94 21.53 -7.38
CA ASN B 94 7.23 21.97 -6.18
C ASN B 94 5.99 22.74 -6.56
N ALA B 95 5.83 23.19 -7.80
CA ALA B 95 4.65 23.99 -8.21
C ALA B 95 3.40 23.11 -8.04
N ALA B 96 2.34 23.63 -7.42
CA ALA B 96 1.09 22.91 -7.12
C ALA B 96 -0.06 23.88 -6.91
N LEU B 97 -1.26 23.50 -7.34
CA LEU B 97 -2.51 24.22 -7.06
C LEU B 97 -3.38 23.28 -6.24
N PHE B 98 -4.28 23.85 -5.46
CA PHE B 98 -5.27 23.11 -4.65
C PHE B 98 -6.67 23.44 -5.17
N THR B 99 -7.58 22.48 -5.10
CA THR B 99 -9.02 22.71 -5.35
C THR B 99 -9.78 21.71 -4.50
N ALA B 100 -11.04 22.01 -4.20
CA ALA B 100 -11.91 21.11 -3.43
C ALA B 100 -13.33 21.35 -3.94
N ALA B 101 -14.07 20.25 -4.06
CA ALA B 101 -15.48 20.16 -4.46
C ALA B 101 -15.84 18.69 -4.42
N PRO B 102 -17.08 18.35 -4.03
CA PRO B 102 -17.55 16.98 -4.19
C PRO B 102 -17.51 16.58 -5.67
N VAL B 103 -17.30 15.30 -5.93
CA VAL B 103 -17.17 14.74 -7.30
C VAL B 103 -18.32 15.21 -8.21
N GLU B 104 -19.56 15.26 -7.71
CA GLU B 104 -20.76 15.60 -8.52
C GLU B 104 -20.76 17.08 -8.93
N GLU B 105 -19.92 17.93 -8.32
CA GLU B 105 -19.85 19.39 -8.58
C GLU B 105 -18.54 19.80 -9.29
N VAL B 106 -17.55 18.90 -9.40
CA VAL B 106 -16.24 19.25 -10.00
C VAL B 106 -16.47 19.83 -11.39
N THR B 107 -15.87 21.01 -11.66
CA THR B 107 -15.96 21.67 -12.99
C THR B 107 -14.73 21.27 -13.83
N ARG B 108 -14.89 21.25 -15.15
CA ARG B 108 -13.79 21.04 -16.12
C ARG B 108 -12.70 22.10 -15.90
N ALA B 109 -13.09 23.32 -15.53
CA ALA B 109 -12.15 24.45 -15.34
C ALA B 109 -11.22 24.13 -14.15
N ASP B 110 -11.77 23.75 -12.99
CA ASP B 110 -10.93 23.38 -11.84
C ASP B 110 -10.08 22.09 -12.10
N TYR B 111 -10.71 21.08 -12.68
CA TYR B 111 -10.05 19.81 -13.08
C TYR B 111 -8.85 20.14 -13.95
N ASP B 112 -9.03 20.90 -15.04
CA ASP B 112 -7.97 21.10 -16.02
C ASP B 112 -6.81 21.87 -15.45
N ARG B 113 -7.11 22.88 -14.63
CA ARG B 113 -6.07 23.82 -14.15
C ARG B 113 -5.27 23.15 -13.02
N VAL B 114 -5.88 22.34 -12.16
CA VAL B 114 -5.12 21.62 -11.10
C VAL B 114 -4.32 20.48 -11.78
N MET B 115 -4.91 19.72 -12.69
CA MET B 115 -4.17 18.61 -13.38
C MET B 115 -2.98 19.16 -14.17
N ALA B 116 -3.16 20.31 -14.83
CA ALA B 116 -2.14 20.97 -15.71
C ALA B 116 -0.89 21.32 -14.89
N VAL B 117 -1.04 21.88 -13.70
CA VAL B 117 0.14 22.21 -12.85
C VAL B 117 0.69 20.94 -12.14
N ASN B 118 -0.17 20.19 -11.44
CA ASN B 118 0.25 19.21 -10.41
C ASN B 118 0.80 17.95 -11.08
N MET B 119 0.18 17.56 -12.18
CA MET B 119 0.49 16.28 -12.86
C MET B 119 1.29 16.59 -14.12
N THR B 120 0.70 17.35 -15.05
CA THR B 120 1.28 17.52 -16.41
C THR B 120 2.56 18.37 -16.33
N GLY B 121 2.53 19.43 -15.53
CA GLY B 121 3.68 20.33 -15.35
C GLY B 121 4.83 19.61 -14.70
N ALA B 122 4.54 18.90 -13.61
CA ALA B 122 5.55 18.08 -12.90
C ALA B 122 6.11 17.02 -13.89
N PHE B 123 5.27 16.39 -14.71
CA PHE B 123 5.75 15.35 -15.66
C PHE B 123 6.74 15.97 -16.66
N PHE B 124 6.37 17.05 -17.35
CA PHE B 124 7.18 17.64 -18.45
C PHE B 124 8.39 18.42 -17.92
N CYS B 125 8.36 18.92 -16.68
CA CYS B 125 9.58 19.50 -16.03
C CYS B 125 10.55 18.38 -15.68
N MET B 126 10.05 17.26 -15.17
CA MET B 126 10.88 16.07 -14.85
C MET B 126 11.51 15.54 -16.16
N GLN B 127 10.77 15.56 -17.27
CA GLN B 127 11.28 15.10 -18.59
C GLN B 127 12.38 16.06 -19.07
N ALA B 128 12.21 17.37 -18.84
CA ALA B 128 13.19 18.39 -19.30
C ALA B 128 14.50 18.17 -18.53
N ALA B 129 14.40 17.95 -17.23
CA ALA B 129 15.54 17.68 -16.33
C ALA B 129 16.26 16.40 -16.78
N ALA B 130 15.51 15.33 -16.99
CA ALA B 130 16.05 13.99 -17.37
C ALA B 130 16.84 14.10 -18.68
N LYS B 131 16.28 14.77 -19.68
CA LYS B 131 16.93 14.92 -21.01
C LYS B 131 18.29 15.62 -20.87
N HIS B 132 18.35 16.73 -20.14
CA HIS B 132 19.62 17.43 -19.86
C HIS B 132 20.57 16.47 -19.11
N MET B 133 20.09 15.84 -18.03
CA MET B 133 20.94 15.02 -17.17
C MET B 133 21.43 13.77 -17.93
N ILE B 134 20.66 13.25 -18.89
CA ILE B 134 21.08 12.08 -19.69
C ILE B 134 22.20 12.53 -20.64
N ALA B 135 21.99 13.60 -21.40
CA ALA B 135 22.99 14.24 -22.30
C ALA B 135 24.31 14.54 -21.56
N ARG B 136 24.26 15.10 -20.37
CA ARG B 136 25.48 15.51 -19.64
C ARG B 136 26.24 14.29 -19.14
N GLY B 137 25.55 13.22 -18.72
CA GLY B 137 26.20 11.95 -18.39
C GLY B 137 26.82 11.93 -17.01
N LYS B 138 26.41 12.80 -16.08
CA LYS B 138 27.01 12.86 -14.71
C LYS B 138 25.93 12.56 -13.67
N GLY B 139 24.82 11.95 -14.07
CA GLY B 139 23.72 11.70 -13.13
C GLY B 139 23.01 12.98 -12.72
N GLY B 140 22.26 12.90 -11.63
CA GLY B 140 21.39 13.99 -11.16
C GLY B 140 20.38 13.50 -10.15
N LYS B 141 19.53 14.42 -9.72
CA LYS B 141 18.53 14.24 -8.64
C LYS B 141 17.26 14.95 -9.06
N ILE B 142 16.12 14.27 -8.97
CA ILE B 142 14.79 14.88 -9.19
C ILE B 142 13.94 14.54 -7.99
N ILE B 143 13.44 15.56 -7.31
CA ILE B 143 12.57 15.42 -6.13
C ILE B 143 11.21 16.02 -6.47
N ASN B 144 10.20 15.15 -6.61
CA ASN B 144 8.79 15.56 -6.79
C ASN B 144 8.16 15.81 -5.42
N MET B 145 7.24 16.77 -5.37
CA MET B 145 6.42 17.01 -4.17
C MET B 145 5.08 16.32 -4.39
N ALA B 146 4.84 15.26 -3.61
CA ALA B 146 3.55 14.54 -3.60
C ALA B 146 2.74 15.09 -2.42
N SER B 147 2.00 14.24 -1.75
CA SER B 147 1.15 14.62 -0.58
C SER B 147 0.62 13.33 0.03
N GLN B 148 0.18 13.39 1.29
CA GLN B 148 -0.68 12.32 1.86
C GLN B 148 -1.87 12.10 0.93
N ALA B 149 -2.40 13.16 0.34
CA ALA B 149 -3.58 13.10 -0.57
C ALA B 149 -3.32 12.13 -1.73
N GLY B 150 -2.08 11.94 -2.13
CA GLY B 150 -1.71 11.02 -3.24
C GLY B 150 -1.65 9.57 -2.78
N ARG B 151 -1.69 9.31 -1.47
CA ARG B 151 -1.70 7.94 -0.95
C ARG B 151 -3.11 7.35 -0.88
N ARG B 152 -4.16 8.15 -0.71
CA ARG B 152 -5.55 7.63 -0.60
C ARG B 152 -6.50 8.76 -0.97
N GLY B 153 -7.62 8.46 -1.59
CA GLY B 153 -8.63 9.46 -1.92
C GLY B 153 -9.33 9.94 -0.65
N GLU B 154 -10.05 11.05 -0.75
CA GLU B 154 -10.96 11.54 0.33
C GLU B 154 -12.04 12.34 -0.35
N PRO B 155 -13.20 12.43 0.33
CA PRO B 155 -14.45 12.87 -0.30
C PRO B 155 -14.43 14.20 -1.07
N LEU B 156 -13.82 15.27 -0.56
CA LEU B 156 -14.00 16.61 -1.20
C LEU B 156 -12.79 16.99 -2.07
N VAL B 157 -11.82 16.08 -2.20
CA VAL B 157 -10.46 16.39 -2.72
C VAL B 157 -10.13 15.45 -3.90
N ALA B 158 -11.10 15.10 -4.72
CA ALA B 158 -10.91 14.05 -5.75
C ALA B 158 -9.81 14.47 -6.73
N VAL B 159 -9.88 15.70 -7.22
CA VAL B 159 -8.96 16.23 -8.28
C VAL B 159 -7.55 16.31 -7.70
N TYR B 160 -7.40 16.95 -6.54
CA TYR B 160 -6.08 17.14 -5.91
C TYR B 160 -5.44 15.76 -5.60
N CYS B 161 -6.16 14.89 -4.90
CA CYS B 161 -5.74 13.49 -4.61
C CYS B 161 -5.26 12.76 -5.88
N ALA B 162 -6.00 12.81 -6.98
CA ALA B 162 -5.68 12.04 -8.20
C ALA B 162 -4.40 12.61 -8.79
N SER B 163 -4.28 13.95 -8.76
CA SER B 163 -3.10 14.69 -9.25
C SER B 163 -1.86 14.16 -8.52
N LYS B 164 -1.96 14.01 -7.19
CA LYS B 164 -0.80 13.65 -6.33
C LYS B 164 -0.52 12.14 -6.42
N ALA B 165 -1.53 11.31 -6.65
CA ALA B 165 -1.33 9.87 -6.89
C ALA B 165 -0.60 9.67 -8.22
N ALA B 166 -0.90 10.49 -9.22
CA ALA B 166 -0.19 10.45 -10.52
C ALA B 166 1.28 10.87 -10.28
N VAL B 167 1.52 11.86 -9.44
CA VAL B 167 2.90 12.32 -9.10
C VAL B 167 3.68 11.15 -8.49
N ILE B 168 3.08 10.40 -7.57
CA ILE B 168 3.74 9.22 -6.95
C ILE B 168 4.07 8.18 -8.02
N SER B 169 3.14 7.92 -8.93
CA SER B 169 3.27 6.89 -9.99
C SER B 169 4.44 7.29 -10.90
N MET B 170 4.45 8.55 -11.38
CA MET B 170 5.51 9.02 -12.32
C MET B 170 6.89 9.04 -11.64
N THR B 171 6.97 9.38 -10.36
CA THR B 171 8.18 9.25 -9.51
C THR B 171 8.71 7.82 -9.60
N GLN B 172 7.85 6.82 -9.42
CA GLN B 172 8.22 5.39 -9.50
C GLN B 172 8.66 5.05 -10.92
N SER B 173 7.88 5.37 -11.96
CA SER B 173 8.20 5.00 -13.38
C SER B 173 9.54 5.64 -13.79
N ALA B 174 9.65 6.96 -13.63
CA ALA B 174 10.86 7.76 -13.91
C ALA B 174 12.05 7.24 -13.09
N GLY B 175 11.86 6.98 -11.80
CA GLY B 175 12.93 6.46 -10.92
C GLY B 175 13.54 5.17 -11.47
N LEU B 176 12.71 4.23 -11.91
CA LEU B 176 13.17 2.91 -12.41
C LEU B 176 13.85 3.10 -13.78
N GLY B 177 13.32 3.98 -14.61
CA GLY B 177 13.82 4.27 -15.97
C GLY B 177 15.15 5.05 -15.96
N LEU B 178 15.34 5.98 -15.02
CA LEU B 178 16.47 6.96 -15.06
C LEU B 178 17.64 6.53 -14.17
N ILE B 179 17.45 5.56 -13.27
CA ILE B 179 18.57 5.20 -12.36
C ILE B 179 19.71 4.57 -13.21
N ARG B 180 19.44 3.98 -14.36
CA ARG B 180 20.54 3.46 -15.23
C ARG B 180 21.43 4.62 -15.70
N HIS B 181 20.95 5.86 -15.71
CA HIS B 181 21.71 7.09 -16.07
C HIS B 181 22.23 7.82 -14.83
N GLY B 182 22.27 7.19 -13.64
CA GLY B 182 22.75 7.84 -12.42
C GLY B 182 21.82 8.98 -11.97
N ILE B 183 20.55 8.98 -12.38
CA ILE B 183 19.54 9.99 -11.95
C ILE B 183 18.65 9.35 -10.89
N ASN B 184 18.68 9.89 -9.66
CA ASN B 184 17.81 9.44 -8.54
C ASN B 184 16.51 10.24 -8.55
N VAL B 185 15.38 9.58 -8.82
CA VAL B 185 14.05 10.24 -8.78
C VAL B 185 13.30 9.71 -7.55
N ASN B 186 12.90 10.63 -6.67
CA ASN B 186 12.17 10.31 -5.41
C ASN B 186 11.19 11.44 -5.12
N ALA B 187 10.33 11.25 -4.14
CA ALA B 187 9.31 12.26 -3.82
C ALA B 187 9.20 12.39 -2.31
N ILE B 188 8.76 13.56 -1.87
CA ILE B 188 8.39 13.84 -0.46
C ILE B 188 6.89 14.02 -0.40
N ALA B 189 6.23 13.43 0.61
CA ALA B 189 4.77 13.54 0.80
C ALA B 189 4.50 14.28 2.11
N PRO B 190 4.29 15.61 2.10
CA PRO B 190 3.89 16.31 3.31
C PRO B 190 2.51 15.83 3.75
N GLY B 191 2.22 16.01 5.03
CA GLY B 191 0.90 15.82 5.63
C GLY B 191 0.09 17.09 5.47
N VAL B 192 -0.39 17.68 6.56
CA VAL B 192 -1.13 18.96 6.52
C VAL B 192 -0.09 20.03 6.89
N VAL B 193 0.01 21.10 6.09
CA VAL B 193 1.09 22.11 6.20
C VAL B 193 0.43 23.48 6.42
N ASP B 194 1.20 24.41 7.01
CA ASP B 194 0.75 25.63 7.70
C ASP B 194 -0.27 26.57 7.07
N GLY B 195 -0.17 26.85 5.76
CA GLY B 195 0.92 26.44 4.90
C GLY B 195 0.52 26.47 3.43
N ALA B 206 -13.89 25.61 3.30
CA ALA B 206 -14.81 26.75 3.58
C ALA B 206 -16.26 26.33 3.29
N ARG B 207 -16.76 26.56 2.07
CA ARG B 207 -18.19 26.51 1.67
C ARG B 207 -18.89 25.32 2.35
N PHE B 208 -18.32 24.11 2.25
CA PHE B 208 -19.03 22.82 2.49
C PHE B 208 -19.13 22.49 3.99
N GLU B 209 -18.61 23.33 4.90
CA GLU B 209 -18.74 23.17 6.37
C GLU B 209 -18.84 24.53 7.05
N GLY B 214 -11.02 29.81 12.57
CA GLY B 214 -10.49 29.61 13.93
C GLY B 214 -10.36 28.13 14.27
N GLU B 215 -11.48 27.43 14.37
CA GLU B 215 -11.59 26.04 14.92
C GLU B 215 -11.03 25.01 13.92
N LYS B 216 -11.64 24.88 12.73
CA LYS B 216 -11.41 23.78 11.74
C LYS B 216 -9.92 23.51 11.52
N LYS B 217 -9.06 24.52 11.69
CA LYS B 217 -7.62 24.43 11.35
C LYS B 217 -6.85 23.76 12.49
N LYS B 218 -7.11 24.11 13.76
CA LYS B 218 -6.43 23.39 14.89
C LYS B 218 -7.24 22.17 15.30
N LEU B 219 -8.33 21.84 14.59
CA LEU B 219 -8.94 20.49 14.74
C LEU B 219 -8.04 19.51 13.97
N VAL B 220 -7.81 19.78 12.68
CA VAL B 220 -6.92 18.96 11.80
C VAL B 220 -5.52 18.97 12.44
N GLY B 221 -5.04 20.14 12.87
CA GLY B 221 -3.72 20.33 13.51
C GLY B 221 -3.55 19.47 14.75
N ALA B 222 -4.47 19.59 15.72
CA ALA B 222 -4.43 18.84 16.99
C ALA B 222 -4.51 17.34 16.71
N ALA B 223 -5.24 16.97 15.65
CA ALA B 223 -5.49 15.57 15.27
C ALA B 223 -4.24 14.95 14.63
N VAL B 224 -3.22 15.72 14.28
CA VAL B 224 -1.94 15.15 13.75
C VAL B 224 -1.26 14.47 14.94
N PRO B 225 -0.88 13.16 14.85
CA PRO B 225 -0.24 12.49 15.99
C PRO B 225 0.92 13.28 16.62
N PHE B 226 1.75 13.94 15.81
CA PHE B 226 2.88 14.76 16.29
C PHE B 226 2.41 15.88 17.22
N GLY B 227 1.24 16.48 16.99
CA GLY B 227 0.69 17.52 17.88
C GLY B 227 0.47 18.85 17.19
N ARG B 228 0.98 19.04 15.97
CA ARG B 228 0.76 20.29 15.19
C ARG B 228 0.81 20.00 13.70
N MET B 229 0.20 20.92 12.95
CA MET B 229 0.35 21.07 11.49
C MET B 229 1.84 21.21 11.18
N GLY B 230 2.21 20.85 9.95
CA GLY B 230 3.60 20.92 9.49
C GLY B 230 3.98 22.36 9.12
N VAL B 231 5.27 22.63 9.19
CA VAL B 231 5.91 23.88 8.68
C VAL B 231 6.94 23.46 7.61
N ALA B 232 7.40 24.37 6.75
CA ALA B 232 8.36 24.11 5.65
C ALA B 232 9.61 23.43 6.20
N SER B 233 10.06 23.82 7.39
CA SER B 233 11.33 23.39 8.01
C SER B 233 11.29 21.92 8.47
N ASP B 234 10.09 21.32 8.61
CA ASP B 234 9.97 19.86 8.80
C ASP B 234 10.48 19.07 7.56
N LEU B 235 10.48 19.70 6.37
CA LEU B 235 10.65 19.04 5.02
C LEU B 235 12.05 19.25 4.44
N THR B 236 12.76 20.29 4.89
CA THR B 236 14.03 20.75 4.28
C THR B 236 15.12 19.70 4.48
N GLY B 237 15.20 19.08 5.66
CA GLY B 237 16.13 17.96 5.94
C GLY B 237 16.04 16.88 4.86
N MET B 238 14.83 16.40 4.59
CA MET B 238 14.57 15.35 3.56
C MET B 238 14.87 15.87 2.14
N ALA B 239 14.52 17.11 1.81
CA ALA B 239 14.83 17.76 0.51
C ALA B 239 16.33 17.79 0.30
N ILE B 240 17.13 18.04 1.35
CA ILE B 240 18.61 18.08 1.26
C ILE B 240 19.12 16.64 1.11
N PHE B 241 18.63 15.74 1.96
CA PHE B 241 19.12 14.34 2.03
C PHE B 241 18.95 13.67 0.66
N LEU B 242 17.80 13.80 0.03
CA LEU B 242 17.51 13.07 -1.24
C LEU B 242 18.38 13.61 -2.40
N ALA B 243 19.02 14.75 -2.22
CA ALA B 243 19.91 15.38 -3.22
C ALA B 243 21.37 14.99 -3.00
N THR B 244 21.71 14.13 -2.03
CA THR B 244 23.12 13.79 -1.66
C THR B 244 23.44 12.33 -1.98
N ALA B 245 24.73 12.01 -2.00
CA ALA B 245 25.25 10.66 -2.28
C ALA B 245 24.85 9.70 -1.15
N GLU B 246 24.46 10.21 0.03
CA GLU B 246 24.04 9.34 1.17
C GLU B 246 22.69 8.66 0.86
N ALA B 247 21.99 9.15 -0.18
CA ALA B 247 20.72 8.63 -0.70
C ALA B 247 20.86 8.02 -2.13
N GLU B 248 22.05 7.64 -2.59
CA GLU B 248 22.22 7.21 -4.02
C GLU B 248 21.53 5.87 -4.30
N TYR B 249 21.33 5.02 -3.30
CA TYR B 249 20.63 3.71 -3.47
C TYR B 249 19.10 3.88 -3.29
N ILE B 250 18.60 5.09 -3.12
CA ILE B 250 17.16 5.38 -2.90
C ILE B 250 16.54 5.77 -4.25
N VAL B 251 15.59 4.98 -4.73
CA VAL B 251 15.17 4.98 -6.16
C VAL B 251 13.66 4.80 -6.21
N GLY B 252 12.99 5.78 -6.80
CA GLY B 252 11.55 5.75 -7.07
C GLY B 252 10.70 5.81 -5.82
N GLN B 253 11.23 6.23 -4.66
CA GLN B 253 10.46 6.16 -3.38
C GLN B 253 9.66 7.46 -3.13
N THR B 254 8.56 7.34 -2.40
CA THR B 254 7.80 8.46 -1.78
C THR B 254 7.94 8.40 -0.25
N PHE B 255 8.53 9.42 0.37
CA PHE B 255 8.73 9.46 1.84
C PHE B 255 7.73 10.43 2.47
N GLY B 256 6.87 9.91 3.33
CA GLY B 256 5.90 10.68 4.13
C GLY B 256 6.59 11.40 5.26
N VAL B 257 6.53 12.73 5.24
CA VAL B 257 7.04 13.60 6.34
C VAL B 257 5.81 14.35 6.84
N ASP B 258 5.05 13.73 7.73
CA ASP B 258 3.67 14.11 7.97
C ASP B 258 3.20 14.04 9.41
N GLY B 259 4.15 13.93 10.34
CA GLY B 259 3.86 13.87 11.78
C GLY B 259 3.01 12.66 12.13
N GLY B 260 3.06 11.58 11.33
CA GLY B 260 2.27 10.36 11.54
C GLY B 260 0.82 10.47 11.07
N ASN B 261 0.46 11.48 10.27
CA ASN B 261 -0.92 11.72 9.74
C ASN B 261 -1.25 10.68 8.66
N TRP B 262 -0.24 10.09 8.04
CA TRP B 262 -0.42 8.92 7.15
C TRP B 262 0.71 7.93 7.47
N LEU B 263 0.59 6.66 7.05
CA LEU B 263 1.63 5.60 7.26
C LEU B 263 1.96 4.90 5.93
N ALA B 264 3.24 4.81 5.56
CA ALA B 264 3.71 4.17 4.29
C ALA B 264 5.14 3.61 4.43
N MET C 9 29.48 16.29 12.05
CA MET C 9 29.37 15.33 13.21
C MET C 9 27.96 15.37 13.85
N ARG C 10 27.04 14.49 13.43
CA ARG C 10 25.58 14.75 13.52
C ARG C 10 24.91 14.08 14.73
N LEU C 11 25.63 13.32 15.56
CA LEU C 11 25.06 12.59 16.70
C LEU C 11 25.90 12.86 17.96
N GLN C 12 26.54 14.01 18.01
CA GLN C 12 27.40 14.39 19.14
C GLN C 12 26.52 14.51 20.39
N GLY C 13 26.96 13.87 21.47
CA GLY C 13 26.27 13.84 22.76
C GLY C 13 25.10 12.87 22.75
N LYS C 14 24.90 12.09 21.67
CA LYS C 14 23.86 11.03 21.63
C LYS C 14 24.44 9.69 22.10
N THR C 15 23.56 8.82 22.61
CA THR C 15 23.86 7.42 23.01
C THR C 15 22.95 6.46 22.24
N ALA C 16 23.51 5.36 21.80
CA ALA C 16 22.82 4.39 20.91
C ALA C 16 23.08 2.97 21.41
N LEU C 17 22.06 2.13 21.27
CA LEU C 17 22.17 0.68 21.41
C LEU C 17 21.80 0.09 20.06
N ILE C 18 22.70 -0.71 19.48
CA ILE C 18 22.44 -1.44 18.18
C ILE C 18 22.47 -2.94 18.46
N THR C 19 21.36 -3.66 18.21
CA THR C 19 21.33 -5.14 18.37
C THR C 19 21.93 -5.79 17.11
N GLY C 20 22.39 -7.03 17.24
CA GLY C 20 23.00 -7.79 16.12
C GLY C 20 24.17 -7.05 15.53
N ALA C 21 25.03 -6.47 16.37
CA ALA C 21 26.03 -5.47 15.95
C ALA C 21 27.40 -6.12 15.67
N ALA C 22 27.53 -7.44 15.71
CA ALA C 22 28.84 -8.11 15.51
C ALA C 22 29.32 -7.95 14.07
N ARG C 23 28.43 -7.95 13.08
CA ARG C 23 28.81 -8.00 11.65
C ARG C 23 27.68 -7.38 10.83
N GLY C 24 27.92 -7.18 9.54
CA GLY C 24 26.90 -6.74 8.57
C GLY C 24 26.35 -5.36 8.90
N ILE C 25 25.04 -5.22 8.79
CA ILE C 25 24.40 -3.88 8.83
C ILE C 25 24.64 -3.26 10.21
N GLY C 26 24.47 -4.04 11.27
CA GLY C 26 24.64 -3.56 12.66
C GLY C 26 26.01 -2.96 12.90
N LEU C 27 27.07 -3.62 12.39
CA LEU C 27 28.48 -3.19 12.60
C LEU C 27 28.66 -1.87 11.88
N GLU C 28 28.18 -1.80 10.65
CA GLU C 28 28.32 -0.63 9.76
C GLU C 28 27.61 0.55 10.44
N PHE C 29 26.46 0.32 11.07
CA PHE C 29 25.73 1.41 11.78
C PHE C 29 26.53 1.84 13.02
N ALA C 30 27.15 0.90 13.75
CA ALA C 30 27.95 1.21 14.95
C ALA C 30 29.14 2.10 14.59
N ARG C 31 29.91 1.72 13.57
CA ARG C 31 31.05 2.49 13.03
C ARG C 31 30.55 3.89 12.65
N ALA C 32 29.47 3.98 11.89
CA ALA C 32 28.92 5.25 11.39
C ALA C 32 28.49 6.12 12.60
N TYR C 33 27.88 5.52 13.59
CA TYR C 33 27.35 6.32 14.74
C TYR C 33 28.55 6.83 15.54
N ILE C 34 29.60 6.01 15.69
CA ILE C 34 30.83 6.42 16.41
C ILE C 34 31.48 7.63 15.69
N ALA C 35 31.62 7.54 14.37
CA ALA C 35 32.14 8.64 13.52
C ALA C 35 31.30 9.93 13.67
N GLU C 36 29.98 9.84 13.91
CA GLU C 36 29.10 11.01 14.09
C GLU C 36 29.13 11.48 15.55
N GLY C 37 29.97 10.87 16.39
CA GLY C 37 30.24 11.36 17.74
C GLY C 37 29.28 10.79 18.78
N ALA C 38 28.52 9.74 18.44
CA ALA C 38 27.66 9.03 19.44
C ALA C 38 28.51 8.07 20.31
N ARG C 39 28.05 7.84 21.53
CA ARG C 39 28.42 6.66 22.33
C ARG C 39 27.51 5.51 21.88
N VAL C 40 28.08 4.34 21.63
CA VAL C 40 27.35 3.18 21.04
C VAL C 40 27.64 1.92 21.86
N ALA C 41 26.57 1.31 22.37
CA ALA C 41 26.57 -0.07 22.90
C ALA C 41 26.29 -1.02 21.74
N LEU C 42 27.29 -1.78 21.31
CA LEU C 42 27.14 -2.88 20.32
C LEU C 42 26.67 -4.15 21.04
N ALA C 43 25.43 -4.58 20.81
CA ALA C 43 24.84 -5.74 21.50
C ALA C 43 24.83 -6.93 20.54
N ASP C 44 25.21 -8.11 21.04
CA ASP C 44 25.06 -9.31 20.29
C ASP C 44 25.00 -10.49 21.24
N ILE C 45 24.54 -11.61 20.72
CA ILE C 45 24.42 -12.89 21.49
C ILE C 45 25.82 -13.31 21.97
N ASN C 46 26.86 -13.01 21.19
CA ASN C 46 28.26 -13.42 21.47
C ASN C 46 29.08 -12.16 21.71
N ALA C 47 29.41 -11.83 22.97
CA ALA C 47 30.16 -10.60 23.34
C ALA C 47 31.57 -10.63 22.73
N ASP C 48 32.21 -11.80 22.62
CA ASP C 48 33.55 -11.89 22.00
C ASP C 48 33.58 -11.45 20.54
N ALA C 49 32.54 -11.78 19.78
CA ALA C 49 32.39 -11.38 18.36
C ALA C 49 32.24 -9.87 18.21
N VAL C 50 32.10 -9.15 19.33
CA VAL C 50 31.85 -7.69 19.33
C VAL C 50 33.04 -6.99 19.99
N ARG C 51 33.85 -7.73 20.77
CA ARG C 51 35.00 -7.12 21.50
C ARG C 51 36.01 -6.64 20.44
N ALA C 52 36.20 -7.35 19.34
CA ALA C 52 37.09 -6.93 18.24
C ALA C 52 36.70 -5.52 17.73
N ALA C 53 35.42 -5.34 17.34
CA ALA C 53 34.91 -4.05 16.82
C ALA C 53 35.06 -2.99 17.92
N VAL C 54 34.64 -3.30 19.14
CA VAL C 54 34.71 -2.39 20.33
C VAL C 54 36.16 -1.93 20.50
N GLU C 55 37.11 -2.86 20.33
CA GLU C 55 38.59 -2.62 20.34
C GLU C 55 39.00 -1.56 19.30
N SER C 56 38.78 -1.80 18.01
CA SER C 56 39.14 -0.83 16.94
C SER C 56 38.45 0.54 17.14
N LEU C 57 37.16 0.58 17.51
CA LEU C 57 36.39 1.84 17.45
C LEU C 57 36.71 2.69 18.67
N GLY C 58 37.32 2.10 19.69
CA GLY C 58 37.82 2.84 20.86
C GLY C 58 36.76 3.06 21.92
N PRO C 59 37.02 3.96 22.89
CA PRO C 59 36.26 4.01 24.14
C PRO C 59 34.85 4.59 24.03
N GLN C 60 34.44 5.12 22.87
CA GLN C 60 33.05 5.58 22.65
C GLN C 60 32.15 4.33 22.46
N ALA C 61 32.75 3.17 22.21
CA ALA C 61 32.07 1.89 21.94
C ALA C 61 32.15 0.99 23.18
N VAL C 62 31.03 0.34 23.54
CA VAL C 62 31.03 -0.69 24.62
C VAL C 62 30.33 -1.95 24.12
N ALA C 63 30.76 -3.09 24.64
CA ALA C 63 30.22 -4.42 24.28
C ALA C 63 29.09 -4.77 25.26
N VAL C 64 27.97 -5.26 24.72
CA VAL C 64 26.84 -5.75 25.56
C VAL C 64 26.48 -7.13 25.04
N GLN C 65 26.38 -8.12 25.93
CA GLN C 65 25.92 -9.49 25.60
C GLN C 65 24.41 -9.48 25.76
N MET C 66 23.68 -9.59 24.65
CA MET C 66 22.20 -9.58 24.67
C MET C 66 21.62 -10.55 23.61
N ASP C 67 20.82 -11.50 24.07
CA ASP C 67 20.04 -12.35 23.22
C ASP C 67 18.61 -11.80 23.23
N VAL C 68 18.19 -11.21 22.10
CA VAL C 68 16.89 -10.48 21.99
C VAL C 68 15.70 -11.45 22.12
N THR C 69 15.90 -12.76 21.93
CA THR C 69 14.83 -13.77 22.14
C THR C 69 14.57 -14.03 23.63
N ARG C 70 15.32 -13.48 24.58
CA ARG C 70 15.07 -13.77 26.03
C ARG C 70 14.78 -12.47 26.78
N GLN C 71 13.63 -12.37 27.44
CA GLN C 71 13.26 -11.11 28.15
C GLN C 71 14.35 -10.74 29.17
N ASP C 72 14.87 -11.73 29.91
CA ASP C 72 15.79 -11.46 31.00
C ASP C 72 17.14 -10.92 30.47
N SER C 73 17.49 -11.28 29.23
CA SER C 73 18.70 -10.78 28.53
C SER C 73 18.41 -9.35 28.08
N ILE C 74 17.20 -9.07 27.61
CA ILE C 74 16.77 -7.70 27.21
C ILE C 74 16.87 -6.84 28.49
N ASP C 75 16.26 -7.27 29.59
CA ASP C 75 16.30 -6.45 30.81
C ASP C 75 17.73 -6.14 31.28
N ALA C 76 18.58 -7.18 31.31
CA ALA C 76 20.00 -7.11 31.77
C ALA C 76 20.79 -6.16 30.85
N GLY C 77 20.66 -6.29 29.53
CA GLY C 77 21.36 -5.44 28.56
C GLY C 77 20.94 -3.98 28.65
N PHE C 78 19.65 -3.67 28.68
CA PHE C 78 19.19 -2.26 28.75
C PHE C 78 19.59 -1.62 30.09
N ALA C 79 19.54 -2.33 31.20
CA ALA C 79 19.93 -1.78 32.51
C ALA C 79 21.43 -1.46 32.49
N GLU C 80 22.22 -2.35 31.90
CA GLU C 80 23.67 -2.18 31.69
C GLU C 80 23.98 -0.93 30.83
N VAL C 81 23.33 -0.76 29.69
CA VAL C 81 23.53 0.44 28.80
C VAL C 81 23.11 1.72 29.57
N ILE C 82 21.95 1.71 30.21
CA ILE C 82 21.47 2.93 30.91
C ILE C 82 22.40 3.24 32.10
N GLY C 83 22.93 2.20 32.78
CA GLY C 83 23.88 2.31 33.89
C GLY C 83 25.22 2.88 33.45
N THR C 84 25.74 2.48 32.29
CA THR C 84 27.03 2.95 31.73
C THR C 84 26.91 4.37 31.17
N PHE C 85 25.92 4.66 30.32
CA PHE C 85 25.79 5.94 29.58
C PHE C 85 24.94 6.93 30.39
N GLY C 86 24.17 6.47 31.38
CA GLY C 86 23.22 7.33 32.14
C GLY C 86 21.86 7.46 31.42
N HIS C 87 21.82 7.38 30.09
CA HIS C 87 20.58 7.52 29.27
C HIS C 87 20.78 6.82 27.93
N LEU C 88 19.68 6.54 27.24
CA LEU C 88 19.70 5.92 25.88
C LEU C 88 18.84 6.80 24.98
N ASP C 89 19.45 7.38 23.94
CA ASP C 89 18.72 8.23 23.02
C ASP C 89 18.18 7.50 21.82
N ILE C 90 18.89 6.47 21.36
CA ILE C 90 18.65 5.81 20.04
C ILE C 90 18.71 4.29 20.20
N LEU C 91 17.65 3.59 19.80
CA LEU C 91 17.69 2.11 19.65
C LEU C 91 17.69 1.78 18.16
N VAL C 92 18.63 0.94 17.70
CA VAL C 92 18.51 0.32 16.34
C VAL C 92 18.26 -1.17 16.49
N ASN C 93 17.08 -1.62 16.07
CA ASN C 93 16.59 -3.01 16.16
C ASN C 93 17.07 -3.71 14.89
N ASN C 94 18.26 -4.27 14.95
CA ASN C 94 18.95 -4.76 13.75
C ASN C 94 19.10 -6.28 13.79
N ALA C 95 19.03 -6.94 14.96
CA ALA C 95 19.14 -8.41 15.08
C ALA C 95 18.07 -9.06 14.18
N ALA C 96 18.47 -10.02 13.34
CA ALA C 96 17.61 -10.67 12.32
C ALA C 96 18.17 -12.06 11.96
N LEU C 97 17.29 -13.03 11.74
CA LEU C 97 17.62 -14.36 11.18
C LEU C 97 16.77 -14.58 9.93
N PHE C 98 17.33 -15.30 8.96
CA PHE C 98 16.70 -15.68 7.69
C PHE C 98 16.36 -17.17 7.75
N THR C 99 15.28 -17.57 7.09
CA THR C 99 14.95 -18.98 6.76
C THR C 99 14.24 -18.98 5.41
N ALA C 100 14.30 -20.08 4.69
CA ALA C 100 13.51 -20.28 3.46
C ALA C 100 12.99 -21.72 3.46
N ALA C 101 11.80 -21.91 2.94
CA ALA C 101 11.13 -23.23 2.83
C ALA C 101 9.76 -22.95 2.25
N PRO C 102 9.28 -23.77 1.31
CA PRO C 102 7.89 -23.69 0.89
C PRO C 102 6.97 -23.88 2.11
N VAL C 103 5.82 -23.21 2.07
CA VAL C 103 4.83 -23.17 3.19
C VAL C 103 4.59 -24.61 3.66
N GLU C 104 4.52 -25.59 2.73
CA GLU C 104 4.12 -26.97 3.07
C GLU C 104 5.22 -27.68 3.87
N GLU C 105 6.46 -27.17 3.91
CA GLU C 105 7.63 -27.83 4.56
C GLU C 105 8.10 -27.06 5.79
N VAL C 106 7.57 -25.87 6.04
CA VAL C 106 7.99 -25.04 7.19
C VAL C 106 7.87 -25.86 8.46
N THR C 107 8.96 -25.95 9.21
CA THR C 107 9.06 -26.64 10.52
C THR C 107 8.73 -25.66 11.64
N ARG C 108 8.19 -26.18 12.73
CA ARG C 108 7.92 -25.42 13.97
C ARG C 108 9.20 -24.76 14.44
N ALA C 109 10.35 -25.45 14.27
CA ALA C 109 11.66 -25.01 14.79
C ALA C 109 12.12 -23.76 14.02
N ASP C 110 12.04 -23.78 12.69
CA ASP C 110 12.41 -22.63 11.92
C ASP C 110 11.51 -21.45 12.16
N TYR C 111 10.21 -21.70 12.22
CA TYR C 111 9.19 -20.66 12.40
C TYR C 111 9.51 -19.98 13.73
N ASP C 112 9.64 -20.76 14.79
CA ASP C 112 9.78 -20.19 16.13
C ASP C 112 11.05 -19.37 16.23
N ARG C 113 12.15 -19.85 15.64
CA ARG C 113 13.46 -19.18 15.88
C ARG C 113 13.52 -17.86 15.08
N VAL C 114 13.03 -17.82 13.86
CA VAL C 114 12.98 -16.60 13.03
C VAL C 114 11.97 -15.60 13.63
N MET C 115 10.80 -16.05 14.05
CA MET C 115 9.79 -15.17 14.69
C MET C 115 10.38 -14.62 16.00
N ALA C 116 11.11 -15.45 16.77
CA ALA C 116 11.63 -15.04 18.09
C ALA C 116 12.59 -13.85 17.94
N VAL C 117 13.50 -13.86 16.96
CA VAL C 117 14.47 -12.74 16.77
C VAL C 117 13.79 -11.55 16.08
N ASN C 118 13.22 -11.79 14.89
CA ASN C 118 12.77 -10.75 13.92
C ASN C 118 11.57 -9.98 14.47
N MET C 119 10.58 -10.65 15.05
CA MET C 119 9.32 -10.00 15.46
C MET C 119 9.33 -9.76 16.97
N THR C 120 9.38 -10.82 17.77
CA THR C 120 9.22 -10.75 19.24
C THR C 120 10.38 -9.95 19.84
N GLY C 121 11.60 -10.28 19.43
CA GLY C 121 12.83 -9.59 19.87
C GLY C 121 12.79 -8.10 19.61
N ALA C 122 12.55 -7.72 18.36
CA ALA C 122 12.32 -6.32 17.95
C ALA C 122 11.25 -5.71 18.87
N PHE C 123 10.13 -6.38 19.05
CA PHE C 123 8.98 -5.82 19.78
C PHE C 123 9.42 -5.52 21.23
N PHE C 124 10.04 -6.47 21.94
CA PHE C 124 10.32 -6.29 23.38
C PHE C 124 11.52 -5.37 23.60
N CYS C 125 12.46 -5.29 22.65
CA CYS C 125 13.58 -4.31 22.70
C CYS C 125 13.02 -2.89 22.54
N MET C 126 12.12 -2.69 21.56
CA MET C 126 11.40 -1.41 21.34
C MET C 126 10.67 -1.02 22.65
N GLN C 127 10.02 -1.98 23.34
CA GLN C 127 9.31 -1.72 24.60
C GLN C 127 10.28 -1.23 25.68
N ALA C 128 11.42 -1.90 25.83
CA ALA C 128 12.41 -1.54 26.87
C ALA C 128 12.94 -0.12 26.58
N ALA C 129 13.29 0.20 25.33
CA ALA C 129 13.78 1.53 24.92
C ALA C 129 12.70 2.56 25.26
N ALA C 130 11.44 2.26 24.99
CA ALA C 130 10.28 3.17 25.19
C ALA C 130 10.07 3.46 26.67
N LYS C 131 10.07 2.44 27.53
CA LYS C 131 9.86 2.60 29.00
C LYS C 131 10.91 3.58 29.53
N HIS C 132 12.16 3.43 29.10
CA HIS C 132 13.26 4.36 29.51
C HIS C 132 13.07 5.76 28.93
N MET C 133 12.79 5.87 27.63
CA MET C 133 12.67 7.20 26.96
C MET C 133 11.44 7.95 27.52
N ILE C 134 10.36 7.26 27.84
CA ILE C 134 9.15 7.91 28.43
C ILE C 134 9.55 8.46 29.82
N ALA C 135 10.26 7.66 30.63
CA ALA C 135 10.57 7.98 32.05
C ALA C 135 11.43 9.23 32.07
N ARG C 136 12.39 9.29 31.15
CA ARG C 136 13.46 10.30 31.08
C ARG C 136 12.90 11.64 30.58
N GLY C 137 11.96 11.61 29.65
CA GLY C 137 11.18 12.77 29.19
C GLY C 137 11.96 13.67 28.23
N LYS C 138 12.99 13.17 27.55
CA LYS C 138 13.74 13.98 26.56
C LYS C 138 13.49 13.46 25.15
N GLY C 139 12.47 12.63 24.94
CA GLY C 139 12.26 12.01 23.62
C GLY C 139 13.26 10.90 23.35
N GLY C 140 13.40 10.55 22.08
CA GLY C 140 14.29 9.48 21.64
C GLY C 140 13.97 9.04 20.23
N LYS C 141 14.75 8.07 19.76
CA LYS C 141 14.70 7.53 18.38
C LYS C 141 14.75 6.00 18.46
N ILE C 142 13.82 5.34 17.78
CA ILE C 142 13.82 3.86 17.61
C ILE C 142 13.81 3.64 16.11
N ILE C 143 14.82 2.95 15.60
CA ILE C 143 14.89 2.65 14.13
C ILE C 143 14.81 1.13 14.00
N ASN C 144 13.73 0.60 13.41
CA ASN C 144 13.53 -0.86 13.22
C ASN C 144 14.06 -1.22 11.82
N MET C 145 14.66 -2.38 11.68
CA MET C 145 15.11 -2.92 10.37
C MET C 145 14.01 -3.83 9.80
N ALA C 146 13.24 -3.30 8.85
CA ALA C 146 12.20 -4.04 8.12
C ALA C 146 12.91 -4.68 6.94
N SER C 147 12.27 -4.75 5.79
CA SER C 147 12.82 -5.33 4.55
C SER C 147 11.75 -5.16 3.47
N GLN C 148 12.15 -5.19 2.20
CA GLN C 148 11.22 -5.36 1.06
C GLN C 148 10.35 -6.59 1.32
N ALA C 149 10.89 -7.60 2.01
CA ALA C 149 10.18 -8.88 2.29
C ALA C 149 8.91 -8.61 3.14
N GLY C 150 8.89 -7.54 3.94
CA GLY C 150 7.73 -7.21 4.80
C GLY C 150 6.66 -6.42 4.07
N ARG C 151 6.92 -6.05 2.83
CA ARG C 151 6.01 -5.25 1.98
C ARG C 151 5.09 -6.18 1.21
N ARG C 152 5.58 -7.34 0.80
CA ARG C 152 4.78 -8.30 0.00
C ARG C 152 5.39 -9.69 0.23
N GLY C 153 4.55 -10.71 0.30
CA GLY C 153 5.01 -12.10 0.45
C GLY C 153 5.70 -12.59 -0.81
N GLU C 154 6.43 -13.69 -0.72
CA GLU C 154 6.99 -14.39 -1.88
C GLU C 154 7.04 -15.88 -1.55
N PRO C 155 7.05 -16.74 -2.58
CA PRO C 155 6.76 -18.17 -2.43
C PRO C 155 7.61 -19.00 -1.46
N LEU C 156 8.88 -18.71 -1.27
CA LEU C 156 9.70 -19.65 -0.42
C LEU C 156 10.11 -18.95 0.88
N VAL C 157 9.59 -17.77 1.17
CA VAL C 157 10.14 -16.93 2.26
C VAL C 157 9.00 -16.48 3.16
N ALA C 158 8.04 -17.36 3.42
CA ALA C 158 6.78 -17.03 4.12
C ALA C 158 7.07 -16.58 5.55
N VAL C 159 8.02 -17.23 6.24
CA VAL C 159 8.29 -16.96 7.69
C VAL C 159 8.95 -15.60 7.80
N TYR C 160 9.98 -15.42 6.99
CA TYR C 160 10.81 -14.19 7.00
C TYR C 160 9.92 -13.01 6.58
N CYS C 161 9.15 -13.15 5.50
CA CYS C 161 8.26 -12.05 5.00
C CYS C 161 7.28 -11.64 6.11
N ALA C 162 6.65 -12.60 6.78
CA ALA C 162 5.61 -12.34 7.78
C ALA C 162 6.22 -11.63 8.99
N SER C 163 7.38 -12.10 9.45
CA SER C 163 8.13 -11.48 10.57
C SER C 163 8.42 -10.01 10.26
N LYS C 164 8.82 -9.70 9.02
CA LYS C 164 9.13 -8.31 8.60
C LYS C 164 7.87 -7.47 8.35
N ALA C 165 6.74 -8.07 7.96
CA ALA C 165 5.46 -7.35 7.86
C ALA C 165 5.00 -6.96 9.26
N ALA C 166 5.25 -7.81 10.24
CA ALA C 166 4.96 -7.55 11.66
C ALA C 166 5.85 -6.39 12.16
N VAL C 167 7.10 -6.32 11.74
CA VAL C 167 8.03 -5.20 12.10
C VAL C 167 7.47 -3.88 11.53
N ILE C 168 7.06 -3.87 10.26
CA ILE C 168 6.46 -2.67 9.63
C ILE C 168 5.27 -2.21 10.47
N SER C 169 4.38 -3.14 10.83
CA SER C 169 3.11 -2.87 11.56
C SER C 169 3.42 -2.29 12.95
N MET C 170 4.30 -2.91 13.72
CA MET C 170 4.65 -2.45 15.09
C MET C 170 5.39 -1.11 15.04
N THR C 171 6.17 -0.84 13.99
CA THR C 171 6.80 0.50 13.77
C THR C 171 5.68 1.54 13.64
N GLN C 172 4.61 1.22 12.91
CA GLN C 172 3.47 2.14 12.74
C GLN C 172 2.75 2.37 14.08
N SER C 173 2.38 1.30 14.79
CA SER C 173 1.60 1.33 16.05
C SER C 173 2.41 2.05 17.12
N ALA C 174 3.66 1.63 17.32
CA ALA C 174 4.59 2.27 18.29
C ALA C 174 4.84 3.75 17.90
N GLY C 175 5.07 4.02 16.62
CA GLY C 175 5.23 5.38 16.09
C GLY C 175 4.09 6.28 16.55
N LEU C 176 2.86 5.84 16.34
CA LEU C 176 1.67 6.63 16.69
C LEU C 176 1.52 6.72 18.19
N GLY C 177 1.81 5.66 18.93
CA GLY C 177 1.64 5.67 20.39
C GLY C 177 2.71 6.48 21.08
N LEU C 178 3.92 6.57 20.53
CA LEU C 178 5.06 7.10 21.30
C LEU C 178 5.38 8.55 20.91
N ILE C 179 4.86 9.09 19.79
CA ILE C 179 5.30 10.44 19.34
C ILE C 179 4.87 11.50 20.39
N ARG C 180 3.84 11.28 21.19
CA ARG C 180 3.44 12.33 22.17
C ARG C 180 4.53 12.48 23.23
N HIS C 181 5.41 11.47 23.43
CA HIS C 181 6.58 11.59 24.34
C HIS C 181 7.81 12.12 23.59
N GLY C 182 7.71 12.55 22.32
CA GLY C 182 8.89 12.99 21.55
C GLY C 182 9.77 11.80 21.13
N ILE C 183 9.21 10.60 21.05
CA ILE C 183 9.93 9.40 20.54
C ILE C 183 9.51 9.15 19.09
N ASN C 184 10.49 9.15 18.18
CA ASN C 184 10.26 8.90 16.73
C ASN C 184 10.58 7.44 16.46
N VAL C 185 9.58 6.66 16.07
CA VAL C 185 9.75 5.23 15.68
C VAL C 185 9.56 5.21 14.18
N ASN C 186 10.62 4.78 13.47
CA ASN C 186 10.60 4.58 12.01
C ASN C 186 11.36 3.30 11.67
N ALA C 187 11.29 2.91 10.41
CA ALA C 187 11.93 1.67 9.91
C ALA C 187 12.62 1.98 8.60
N ILE C 188 13.71 1.26 8.38
CA ILE C 188 14.42 1.17 7.07
C ILE C 188 14.16 -0.24 6.52
N ALA C 189 13.80 -0.32 5.26
CA ALA C 189 13.49 -1.55 4.51
C ALA C 189 14.57 -1.72 3.44
N PRO C 190 15.66 -2.45 3.75
CA PRO C 190 16.62 -2.84 2.72
C PRO C 190 15.98 -3.69 1.60
N GLY C 191 16.57 -3.69 0.41
CA GLY C 191 16.16 -4.58 -0.69
C GLY C 191 16.86 -5.91 -0.57
N VAL C 192 17.61 -6.32 -1.59
CA VAL C 192 18.50 -7.53 -1.53
C VAL C 192 19.90 -7.05 -1.11
N VAL C 193 20.49 -7.69 -0.10
CA VAL C 193 21.76 -7.22 0.53
C VAL C 193 22.80 -8.33 0.40
N ASP C 194 24.05 -7.97 0.03
CA ASP C 194 25.22 -8.87 -0.05
C ASP C 194 25.38 -9.59 1.28
N GLY C 195 24.87 -10.82 1.34
CA GLY C 195 24.79 -11.62 2.58
C GLY C 195 24.95 -13.09 2.29
N PRO C 213 21.88 -23.23 -9.49
CA PRO C 213 22.79 -23.20 -8.33
C PRO C 213 23.72 -21.97 -8.35
N GLY C 214 23.55 -21.09 -7.36
CA GLY C 214 24.04 -19.70 -7.38
C GLY C 214 23.24 -18.86 -8.35
N GLU C 215 22.93 -19.38 -9.55
CA GLU C 215 21.94 -18.81 -10.50
C GLU C 215 20.67 -18.51 -9.70
N LYS C 216 20.44 -17.24 -9.38
CA LYS C 216 19.27 -16.79 -8.57
C LYS C 216 19.66 -15.52 -7.78
N LYS C 217 20.67 -15.62 -6.89
CA LYS C 217 21.25 -14.46 -6.19
C LYS C 217 21.86 -13.48 -7.21
N LYS C 218 22.52 -14.00 -8.26
CA LYS C 218 23.18 -13.19 -9.33
C LYS C 218 22.14 -12.79 -10.40
N LEU C 219 21.08 -13.58 -10.59
CA LEU C 219 19.91 -13.20 -11.42
C LEU C 219 19.15 -12.06 -10.74
N VAL C 220 18.88 -12.19 -9.44
CA VAL C 220 18.20 -11.19 -8.56
C VAL C 220 19.07 -9.93 -8.46
N GLY C 221 20.36 -10.10 -8.15
CA GLY C 221 21.32 -8.98 -8.05
C GLY C 221 21.36 -8.16 -9.33
N ALA C 222 21.42 -8.84 -10.47
CA ALA C 222 21.48 -8.23 -11.82
C ALA C 222 20.18 -7.46 -12.11
N ALA C 223 19.05 -7.86 -11.52
CA ALA C 223 17.70 -7.29 -11.76
C ALA C 223 17.45 -6.06 -10.88
N VAL C 224 18.31 -5.73 -9.91
CA VAL C 224 18.11 -4.47 -9.14
C VAL C 224 18.27 -3.31 -10.11
N PRO C 225 17.27 -2.40 -10.21
CA PRO C 225 17.36 -1.30 -11.18
C PRO C 225 18.65 -0.46 -11.05
N PHE C 226 19.14 -0.23 -9.83
CA PHE C 226 20.41 0.47 -9.53
C PHE C 226 21.59 -0.23 -10.22
N GLY C 227 21.57 -1.56 -10.32
CA GLY C 227 22.58 -2.31 -11.10
C GLY C 227 23.39 -3.28 -10.26
N ARG C 228 23.20 -3.32 -8.93
CA ARG C 228 23.92 -4.30 -8.08
C ARG C 228 23.11 -4.54 -6.82
N MET C 229 23.44 -5.62 -6.14
CA MET C 229 22.89 -5.96 -4.81
C MET C 229 23.33 -4.88 -3.82
N GLY C 230 22.51 -4.71 -2.78
CA GLY C 230 22.73 -3.73 -1.70
C GLY C 230 23.94 -4.09 -0.85
N VAL C 231 24.65 -3.08 -0.36
CA VAL C 231 25.69 -3.24 0.69
C VAL C 231 25.21 -2.50 1.94
N ALA C 232 25.81 -2.80 3.08
CA ALA C 232 25.40 -2.22 4.37
C ALA C 232 25.49 -0.68 4.26
N SER C 233 26.49 -0.14 3.56
CA SER C 233 26.76 1.33 3.54
C SER C 233 25.73 2.10 2.69
N ASP C 234 24.91 1.44 1.86
CA ASP C 234 23.79 2.12 1.19
C ASP C 234 22.77 2.65 2.24
N LEU C 235 22.77 2.07 3.45
CA LEU C 235 21.68 2.27 4.45
C LEU C 235 22.10 3.30 5.51
N THR C 236 23.39 3.62 5.62
CA THR C 236 23.95 4.35 6.79
C THR C 236 23.47 5.80 6.76
N GLY C 237 23.39 6.38 5.56
CA GLY C 237 22.77 7.69 5.32
C GLY C 237 21.42 7.81 6.04
N MET C 238 20.51 6.88 5.76
CA MET C 238 19.14 6.92 6.31
C MET C 238 19.21 6.62 7.82
N ALA C 239 20.14 5.76 8.23
CA ALA C 239 20.30 5.36 9.65
C ALA C 239 20.76 6.57 10.48
N ILE C 240 21.60 7.43 9.91
CA ILE C 240 22.01 8.70 10.59
C ILE C 240 20.81 9.66 10.56
N PHE C 241 20.27 9.89 9.37
CA PHE C 241 19.23 10.90 9.15
C PHE C 241 18.07 10.69 10.15
N LEU C 242 17.53 9.47 10.26
CA LEU C 242 16.35 9.17 11.11
C LEU C 242 16.66 9.37 12.62
N ALA C 243 17.94 9.46 12.98
CA ALA C 243 18.35 9.67 14.38
C ALA C 243 18.63 11.15 14.65
N THR C 244 18.45 12.06 13.68
CA THR C 244 18.67 13.53 13.82
C THR C 244 17.38 14.36 13.90
N ALA C 245 17.53 15.63 14.23
CA ALA C 245 16.40 16.55 14.48
C ALA C 245 15.74 16.93 13.14
N GLU C 246 16.46 16.76 12.02
CA GLU C 246 15.92 16.99 10.65
C GLU C 246 14.83 15.96 10.33
N ALA C 247 14.73 14.87 11.09
CA ALA C 247 13.68 13.84 10.94
C ALA C 247 12.63 13.91 12.04
N GLU C 248 12.50 15.02 12.78
CA GLU C 248 11.61 15.03 13.97
C GLU C 248 10.11 14.92 13.61
N TYR C 249 9.70 15.31 12.38
CA TYR C 249 8.28 15.24 11.93
C TYR C 249 8.00 13.93 11.19
N ILE C 250 8.96 12.99 11.18
CA ILE C 250 8.78 11.66 10.54
C ILE C 250 8.39 10.66 11.62
N VAL C 251 7.19 10.11 11.50
CA VAL C 251 6.52 9.27 12.51
C VAL C 251 5.91 8.01 11.88
N GLY C 252 6.33 6.83 12.36
CA GLY C 252 5.74 5.53 12.01
C GLY C 252 5.97 5.14 10.56
N GLN C 253 7.00 5.69 9.92
CA GLN C 253 7.26 5.45 8.47
C GLN C 253 8.24 4.29 8.26
N THR C 254 8.14 3.64 7.11
CA THR C 254 9.11 2.62 6.64
C THR C 254 9.67 3.13 5.32
N PHE C 255 10.97 3.33 5.24
CA PHE C 255 11.66 3.91 4.06
C PHE C 255 12.45 2.82 3.32
N GLY C 256 12.05 2.54 2.08
CA GLY C 256 12.74 1.61 1.17
C GLY C 256 14.08 2.17 0.71
N VAL C 257 15.16 1.50 1.09
CA VAL C 257 16.53 1.80 0.55
C VAL C 257 17.02 0.53 -0.14
N ASP C 258 16.62 0.36 -1.41
CA ASP C 258 16.61 -0.91 -2.11
C ASP C 258 16.98 -0.87 -3.55
N GLY C 259 17.53 0.27 -4.04
CA GLY C 259 18.03 0.41 -5.42
C GLY C 259 16.93 0.30 -6.45
N GLY C 260 15.68 0.49 -6.03
CA GLY C 260 14.52 0.42 -6.93
C GLY C 260 13.91 -0.97 -6.95
N ASN C 261 14.40 -1.88 -6.13
CA ASN C 261 13.95 -3.31 -6.17
C ASN C 261 12.51 -3.43 -5.65
N TRP C 262 12.00 -2.41 -4.94
CA TRP C 262 10.59 -2.29 -4.51
C TRP C 262 10.21 -0.81 -4.50
N LEU C 263 8.92 -0.50 -4.55
CA LEU C 263 8.39 0.89 -4.62
C LEU C 263 7.37 1.07 -3.50
N ALA C 264 7.60 2.04 -2.61
CA ALA C 264 6.64 2.48 -1.59
C ALA C 264 6.80 4.01 -1.36
N MET D 9 -29.37 -15.76 -12.14
CA MET D 9 -29.71 -14.43 -12.77
C MET D 9 -29.48 -13.30 -11.75
N ARG D 10 -28.22 -12.94 -11.54
CA ARG D 10 -27.85 -12.06 -10.40
C ARG D 10 -28.11 -10.59 -10.69
N LEU D 11 -28.46 -10.20 -11.93
CA LEU D 11 -28.67 -8.77 -12.29
C LEU D 11 -30.05 -8.55 -12.92
N GLN D 12 -31.04 -9.37 -12.54
CA GLN D 12 -32.35 -9.36 -13.21
C GLN D 12 -32.97 -7.98 -13.03
N GLY D 13 -33.47 -7.36 -14.10
CA GLY D 13 -34.10 -6.03 -14.02
C GLY D 13 -33.11 -4.89 -13.82
N LYS D 14 -31.80 -5.13 -13.85
CA LYS D 14 -30.81 -4.02 -13.71
C LYS D 14 -30.50 -3.44 -15.10
N THR D 15 -30.07 -2.19 -15.11
CA THR D 15 -29.63 -1.42 -16.29
C THR D 15 -28.15 -1.06 -16.10
N ALA D 16 -27.34 -1.27 -17.12
CA ALA D 16 -25.90 -0.94 -17.11
C ALA D 16 -25.56 -0.11 -18.34
N LEU D 17 -24.54 0.73 -18.19
CA LEU D 17 -23.85 1.41 -19.30
C LEU D 17 -22.38 0.98 -19.18
N ILE D 18 -21.83 0.41 -20.25
CA ILE D 18 -20.39 0.01 -20.33
C ILE D 18 -19.71 0.86 -21.42
N THR D 19 -18.69 1.64 -21.07
CA THR D 19 -17.86 2.39 -22.06
C THR D 19 -16.80 1.47 -22.66
N GLY D 20 -16.33 1.78 -23.87
CA GLY D 20 -15.36 0.97 -24.64
C GLY D 20 -15.85 -0.44 -24.86
N ALA D 21 -17.16 -0.62 -25.12
CA ALA D 21 -17.86 -1.94 -25.05
C ALA D 21 -18.03 -2.59 -26.44
N ALA D 22 -17.52 -1.98 -27.51
CA ALA D 22 -17.67 -2.49 -28.89
C ALA D 22 -16.77 -3.73 -29.08
N ARG D 23 -15.75 -3.92 -28.26
CA ARG D 23 -14.79 -5.04 -28.41
C ARG D 23 -14.08 -5.29 -27.08
N GLY D 24 -13.30 -6.37 -26.99
CA GLY D 24 -12.40 -6.71 -25.86
C GLY D 24 -13.18 -6.99 -24.59
N ILE D 25 -12.62 -6.56 -23.47
CA ILE D 25 -13.18 -6.85 -22.11
C ILE D 25 -14.59 -6.21 -21.98
N GLY D 26 -14.76 -4.97 -22.45
CA GLY D 26 -16.05 -4.27 -22.36
C GLY D 26 -17.16 -5.09 -22.99
N LEU D 27 -16.94 -5.65 -24.18
CA LEU D 27 -17.92 -6.53 -24.89
C LEU D 27 -18.24 -7.76 -24.01
N GLU D 28 -17.19 -8.42 -23.49
CA GLU D 28 -17.39 -9.62 -22.63
C GLU D 28 -18.13 -9.21 -21.37
N PHE D 29 -17.86 -8.07 -20.76
CA PHE D 29 -18.69 -7.60 -19.62
C PHE D 29 -20.14 -7.48 -20.07
N ALA D 30 -20.40 -6.80 -21.19
CA ALA D 30 -21.77 -6.58 -21.71
C ALA D 30 -22.50 -7.92 -21.84
N ARG D 31 -21.82 -8.91 -22.40
CA ARG D 31 -22.37 -10.26 -22.67
C ARG D 31 -22.73 -10.95 -21.33
N ALA D 32 -21.81 -10.96 -20.37
CA ALA D 32 -22.00 -11.60 -19.03
C ALA D 32 -23.16 -10.91 -18.31
N TYR D 33 -23.22 -9.59 -18.35
CA TYR D 33 -24.31 -8.82 -17.72
C TYR D 33 -25.67 -9.22 -18.31
N ILE D 34 -25.77 -9.33 -19.65
CA ILE D 34 -27.00 -9.76 -20.35
C ILE D 34 -27.38 -11.19 -19.90
N ALA D 35 -26.39 -12.08 -19.75
CA ALA D 35 -26.64 -13.44 -19.24
C ALA D 35 -27.12 -13.40 -17.78
N GLU D 36 -26.90 -12.35 -17.01
CA GLU D 36 -27.38 -12.27 -15.59
C GLU D 36 -28.71 -11.52 -15.52
N GLY D 37 -29.31 -11.21 -16.66
CA GLY D 37 -30.62 -10.55 -16.68
C GLY D 37 -30.57 -9.04 -16.84
N ALA D 38 -29.41 -8.43 -17.12
CA ALA D 38 -29.37 -6.95 -17.24
C ALA D 38 -29.78 -6.51 -18.65
N ARG D 39 -30.23 -5.27 -18.77
CA ARG D 39 -30.24 -4.52 -20.04
C ARG D 39 -28.96 -3.68 -20.07
N VAL D 40 -28.26 -3.67 -21.20
CA VAL D 40 -26.92 -3.04 -21.25
C VAL D 40 -26.87 -2.05 -22.42
N ALA D 41 -26.53 -0.80 -22.10
CA ALA D 41 -26.10 0.22 -23.09
C ALA D 41 -24.61 0.04 -23.34
N LEU D 42 -24.25 -0.33 -24.57
CA LEU D 42 -22.86 -0.35 -25.05
C LEU D 42 -22.54 1.02 -25.63
N ALA D 43 -21.61 1.72 -24.99
CA ALA D 43 -21.09 3.02 -25.46
C ALA D 43 -19.70 2.80 -26.07
N ASP D 44 -19.48 3.40 -27.23
CA ASP D 44 -18.20 3.43 -27.88
C ASP D 44 -18.16 4.62 -28.84
N ILE D 45 -16.95 5.04 -29.18
CA ILE D 45 -16.70 6.21 -30.07
C ILE D 45 -17.11 5.89 -31.51
N ASN D 46 -17.07 4.62 -31.91
CA ASN D 46 -17.25 4.14 -33.30
C ASN D 46 -18.69 3.61 -33.48
N ALA D 47 -19.54 4.30 -34.24
CA ALA D 47 -20.98 4.03 -34.39
C ALA D 47 -21.22 2.68 -35.10
N ASP D 48 -20.42 2.35 -36.11
CA ASP D 48 -20.57 1.07 -36.80
C ASP D 48 -20.17 -0.12 -35.91
N ALA D 49 -19.01 -0.04 -35.29
CA ALA D 49 -18.51 -1.05 -34.31
C ALA D 49 -19.59 -1.29 -33.23
N VAL D 50 -20.18 -0.23 -32.67
CA VAL D 50 -21.12 -0.38 -31.54
C VAL D 50 -22.48 -0.89 -32.06
N ARG D 51 -22.89 -0.55 -33.28
CA ARG D 51 -24.13 -1.13 -33.85
C ARG D 51 -23.86 -2.63 -34.12
N ALA D 52 -22.69 -2.97 -34.62
CA ALA D 52 -22.33 -4.38 -34.89
C ALA D 52 -22.30 -5.18 -33.58
N ALA D 53 -21.77 -4.60 -32.48
CA ALA D 53 -21.68 -5.26 -31.15
C ALA D 53 -23.09 -5.51 -30.59
N VAL D 54 -24.00 -4.56 -30.76
CA VAL D 54 -25.39 -4.71 -30.25
C VAL D 54 -26.13 -5.78 -31.05
N GLU D 55 -25.95 -5.80 -32.38
CA GLU D 55 -26.54 -6.88 -33.23
C GLU D 55 -26.04 -8.25 -32.74
N SER D 56 -24.76 -8.36 -32.36
CA SER D 56 -24.16 -9.63 -31.85
C SER D 56 -24.73 -9.99 -30.48
N LEU D 57 -24.98 -9.02 -29.59
CA LEU D 57 -25.43 -9.34 -28.20
C LEU D 57 -26.94 -9.57 -28.13
N GLY D 58 -27.70 -9.03 -29.08
CA GLY D 58 -29.15 -9.23 -29.17
C GLY D 58 -29.96 -8.12 -28.50
N PRO D 59 -31.28 -8.33 -28.35
CA PRO D 59 -32.20 -7.26 -27.99
C PRO D 59 -32.16 -6.75 -26.54
N GLN D 60 -31.31 -7.31 -25.65
CA GLN D 60 -31.13 -6.73 -24.30
C GLN D 60 -30.05 -5.65 -24.34
N ALA D 61 -29.34 -5.48 -25.46
CA ALA D 61 -28.30 -4.46 -25.68
C ALA D 61 -28.89 -3.26 -26.43
N VAL D 62 -28.41 -2.05 -26.14
CA VAL D 62 -28.72 -0.85 -26.96
C VAL D 62 -27.40 -0.15 -27.26
N ALA D 63 -27.32 0.50 -28.41
CA ALA D 63 -26.12 1.22 -28.91
C ALA D 63 -26.22 2.68 -28.48
N VAL D 64 -25.14 3.20 -27.91
CA VAL D 64 -24.97 4.66 -27.68
C VAL D 64 -23.59 5.02 -28.22
N GLN D 65 -23.55 5.86 -29.23
CA GLN D 65 -22.28 6.49 -29.65
C GLN D 65 -21.86 7.48 -28.57
N MET D 66 -20.64 7.34 -28.07
CA MET D 66 -20.17 8.23 -26.98
C MET D 66 -18.64 8.37 -27.09
N ASP D 67 -18.19 9.62 -27.21
CA ASP D 67 -16.79 9.97 -27.09
C ASP D 67 -16.50 10.43 -25.63
N VAL D 68 -15.81 9.59 -24.84
CA VAL D 68 -15.65 9.86 -23.38
C VAL D 68 -14.68 11.04 -23.18
N THR D 69 -13.99 11.54 -24.22
CA THR D 69 -13.07 12.68 -24.12
C THR D 69 -13.83 14.01 -24.27
N ARG D 70 -15.16 14.03 -24.47
CA ARG D 70 -15.92 15.28 -24.63
C ARG D 70 -17.09 15.31 -23.65
N GLN D 71 -17.29 16.44 -22.97
CA GLN D 71 -18.44 16.63 -22.04
C GLN D 71 -19.76 16.61 -22.79
N ASP D 72 -19.82 17.18 -23.99
CA ASP D 72 -21.07 17.23 -24.72
C ASP D 72 -21.60 15.81 -25.04
N SER D 73 -20.71 14.94 -25.51
CA SER D 73 -21.00 13.52 -25.83
C SER D 73 -21.30 12.72 -24.54
N ILE D 74 -20.57 12.94 -23.47
CA ILE D 74 -20.91 12.32 -22.17
C ILE D 74 -22.34 12.71 -21.78
N ASP D 75 -22.63 14.01 -21.68
CA ASP D 75 -23.97 14.45 -21.23
C ASP D 75 -25.10 13.84 -22.09
N ALA D 76 -24.94 13.90 -23.41
CA ALA D 76 -25.93 13.38 -24.38
C ALA D 76 -26.14 11.87 -24.19
N GLY D 77 -25.05 11.10 -24.06
CA GLY D 77 -25.08 9.63 -23.92
C GLY D 77 -25.80 9.19 -22.66
N PHE D 78 -25.45 9.75 -21.49
CA PHE D 78 -26.13 9.44 -20.21
C PHE D 78 -27.60 9.84 -20.31
N ALA D 79 -27.90 11.03 -20.79
CA ALA D 79 -29.29 11.52 -20.88
C ALA D 79 -30.11 10.53 -21.73
N GLU D 80 -29.54 10.06 -22.83
CA GLU D 80 -30.20 9.16 -23.80
C GLU D 80 -30.47 7.81 -23.14
N VAL D 81 -29.45 7.22 -22.47
CA VAL D 81 -29.58 5.92 -21.75
C VAL D 81 -30.61 6.07 -20.64
N ILE D 82 -30.57 7.17 -19.86
CA ILE D 82 -31.56 7.34 -18.76
C ILE D 82 -32.97 7.44 -19.37
N GLY D 83 -33.14 8.23 -20.43
CA GLY D 83 -34.40 8.29 -21.22
C GLY D 83 -34.85 6.92 -21.71
N THR D 84 -33.99 6.10 -22.30
CA THR D 84 -34.38 4.78 -22.88
C THR D 84 -34.77 3.80 -21.77
N PHE D 85 -33.97 3.69 -20.70
CA PHE D 85 -34.17 2.70 -19.61
C PHE D 85 -35.06 3.26 -18.50
N GLY D 86 -35.19 4.57 -18.35
CA GLY D 86 -35.86 5.19 -17.18
C GLY D 86 -34.87 5.46 -16.06
N HIS D 87 -33.88 4.58 -15.90
CA HIS D 87 -32.86 4.69 -14.82
C HIS D 87 -31.59 3.93 -15.23
N LEU D 88 -30.47 4.30 -14.61
CA LEU D 88 -29.19 3.60 -14.77
C LEU D 88 -28.73 3.08 -13.39
N ASP D 89 -28.56 1.77 -13.22
CA ASP D 89 -28.13 1.17 -11.95
C ASP D 89 -26.62 1.03 -11.85
N ILE D 90 -25.97 0.76 -12.99
CA ILE D 90 -24.53 0.34 -13.04
C ILE D 90 -23.84 1.10 -14.15
N LEU D 91 -22.72 1.74 -13.83
CA LEU D 91 -21.71 2.22 -14.82
C LEU D 91 -20.47 1.34 -14.73
N VAL D 92 -20.05 0.76 -15.85
CA VAL D 92 -18.68 0.18 -15.98
C VAL D 92 -17.82 1.12 -16.83
N ASN D 93 -16.87 1.78 -16.16
CA ASN D 93 -15.87 2.68 -16.80
C ASN D 93 -14.76 1.82 -17.37
N ASN D 94 -14.90 1.43 -18.63
CA ASN D 94 -13.99 0.42 -19.22
C ASN D 94 -13.15 1.03 -20.33
N ALA D 95 -13.52 2.18 -20.92
CA ALA D 95 -12.79 2.78 -22.08
C ALA D 95 -11.36 3.14 -21.64
N ALA D 96 -10.38 2.72 -22.44
CA ALA D 96 -8.95 2.89 -22.09
C ALA D 96 -8.11 2.81 -23.35
N LEU D 97 -7.02 3.58 -23.38
CA LEU D 97 -5.91 3.48 -24.36
C LEU D 97 -4.62 3.10 -23.63
N PHE D 98 -3.74 2.41 -24.33
CA PHE D 98 -2.37 2.03 -23.90
C PHE D 98 -1.36 2.86 -24.69
N THR D 99 -0.26 3.25 -24.04
CA THR D 99 0.92 3.84 -24.71
C THR D 99 2.13 3.33 -23.94
N ALA D 100 3.28 3.34 -24.59
CA ALA D 100 4.57 3.07 -23.92
C ALA D 100 5.63 3.97 -24.53
N ALA D 101 6.52 4.46 -23.67
CA ALA D 101 7.71 5.26 -24.00
C ALA D 101 8.48 5.50 -22.71
N PRO D 102 9.83 5.44 -22.73
CA PRO D 102 10.62 5.86 -21.58
C PRO D 102 10.31 7.35 -21.32
N VAL D 103 10.45 7.82 -20.08
CA VAL D 103 9.98 9.18 -19.67
C VAL D 103 10.60 10.24 -20.61
N GLU D 104 11.88 10.07 -21.00
CA GLU D 104 12.64 11.10 -21.76
C GLU D 104 12.14 11.16 -23.20
N GLU D 105 11.29 10.24 -23.66
CA GLU D 105 10.82 10.18 -25.08
C GLU D 105 9.30 10.42 -25.19
N VAL D 106 8.58 10.59 -24.09
CA VAL D 106 7.10 10.70 -24.07
C VAL D 106 6.71 11.97 -24.83
N THR D 107 5.76 11.88 -25.75
CA THR D 107 5.25 13.07 -26.48
C THR D 107 4.01 13.61 -25.77
N ARG D 108 3.78 14.91 -25.90
CA ARG D 108 2.51 15.63 -25.57
C ARG D 108 1.31 14.96 -26.23
N ALA D 109 1.45 14.53 -27.50
CA ALA D 109 0.36 13.87 -28.27
C ALA D 109 -0.09 12.59 -27.54
N ASP D 110 0.85 11.70 -27.21
CA ASP D 110 0.56 10.47 -26.53
C ASP D 110 0.01 10.71 -25.13
N TYR D 111 0.67 11.57 -24.38
CA TYR D 111 0.30 11.95 -23.01
C TYR D 111 -1.14 12.44 -23.05
N ASP D 112 -1.43 13.37 -23.95
CA ASP D 112 -2.78 13.97 -23.93
C ASP D 112 -3.89 12.99 -24.25
N ARG D 113 -3.66 12.08 -25.21
CA ARG D 113 -4.76 11.24 -25.71
C ARG D 113 -5.04 10.10 -24.71
N VAL D 114 -4.02 9.52 -24.09
CA VAL D 114 -4.18 8.47 -23.04
C VAL D 114 -4.79 9.11 -21.78
N MET D 115 -4.30 10.27 -21.33
CA MET D 115 -4.88 10.89 -20.10
C MET D 115 -6.35 11.24 -20.36
N ALA D 116 -6.71 11.71 -21.56
CA ALA D 116 -8.09 12.18 -21.87
C ALA D 116 -9.10 11.03 -21.75
N VAL D 117 -8.74 9.84 -22.24
CA VAL D 117 -9.61 8.64 -22.14
C VAL D 117 -9.54 8.05 -20.70
N ASN D 118 -8.34 7.69 -20.21
CA ASN D 118 -8.16 6.81 -19.02
C ASN D 118 -8.46 7.54 -17.71
N MET D 119 -8.15 8.81 -17.63
CA MET D 119 -8.32 9.58 -16.38
C MET D 119 -9.52 10.53 -16.53
N THR D 120 -9.47 11.47 -17.46
CA THR D 120 -10.48 12.55 -17.61
C THR D 120 -11.81 11.92 -18.03
N GLY D 121 -11.77 11.01 -19.00
CA GLY D 121 -12.99 10.35 -19.48
C GLY D 121 -13.61 9.51 -18.38
N ALA D 122 -12.81 8.73 -17.67
CA ALA D 122 -13.28 7.93 -16.53
C ALA D 122 -13.91 8.87 -15.48
N PHE D 123 -13.24 9.97 -15.14
CA PHE D 123 -13.68 10.89 -14.06
C PHE D 123 -15.05 11.50 -14.42
N PHE D 124 -15.22 12.04 -15.64
CA PHE D 124 -16.45 12.79 -16.06
C PHE D 124 -17.63 11.85 -16.39
N CYS D 125 -17.37 10.61 -16.83
CA CYS D 125 -18.40 9.54 -16.89
C CYS D 125 -18.86 9.13 -15.49
N MET D 126 -17.94 8.85 -14.56
CA MET D 126 -18.29 8.57 -13.15
C MET D 126 -19.15 9.73 -12.60
N GLN D 127 -18.85 10.98 -12.94
CA GLN D 127 -19.61 12.16 -12.41
C GLN D 127 -20.99 12.21 -13.04
N ALA D 128 -21.14 11.83 -14.32
CA ALA D 128 -22.45 11.78 -15.00
C ALA D 128 -23.32 10.69 -14.34
N ALA D 129 -22.75 9.50 -14.12
CA ALA D 129 -23.43 8.39 -13.40
C ALA D 129 -23.84 8.88 -12.00
N ALA D 130 -22.91 9.40 -11.22
CA ALA D 130 -23.18 9.90 -9.84
C ALA D 130 -24.36 10.89 -9.84
N LYS D 131 -24.34 11.90 -10.70
CA LYS D 131 -25.40 12.94 -10.73
C LYS D 131 -26.78 12.29 -10.87
N HIS D 132 -26.92 11.37 -11.82
CA HIS D 132 -28.20 10.64 -12.04
C HIS D 132 -28.56 9.80 -10.82
N MET D 133 -27.59 9.05 -10.27
CA MET D 133 -27.84 8.11 -9.15
C MET D 133 -28.21 8.93 -7.90
N ILE D 134 -27.56 10.07 -7.65
CA ILE D 134 -27.91 10.98 -6.52
C ILE D 134 -29.36 11.43 -6.70
N ALA D 135 -29.74 11.87 -7.91
CA ALA D 135 -31.07 12.45 -8.21
C ALA D 135 -32.15 11.39 -7.98
N ARG D 136 -31.94 10.17 -8.46
CA ARG D 136 -32.95 9.09 -8.39
C ARG D 136 -33.17 8.65 -6.92
N GLY D 137 -32.12 8.63 -6.10
CA GLY D 137 -32.26 8.37 -4.66
C GLY D 137 -32.36 6.89 -4.34
N LYS D 138 -32.05 6.02 -5.28
CA LYS D 138 -32.08 4.54 -5.05
C LYS D 138 -30.67 3.95 -5.07
N GLY D 139 -29.60 4.74 -4.88
CA GLY D 139 -28.22 4.21 -4.92
C GLY D 139 -27.81 3.78 -6.32
N GLY D 140 -26.80 2.92 -6.43
CA GLY D 140 -26.26 2.50 -7.72
C GLY D 140 -24.89 1.89 -7.55
N LYS D 141 -24.26 1.53 -8.67
CA LYS D 141 -22.93 0.87 -8.73
C LYS D 141 -22.06 1.48 -9.82
N ILE D 142 -20.83 1.85 -9.45
CA ILE D 142 -19.82 2.31 -10.43
C ILE D 142 -18.58 1.41 -10.31
N ILE D 143 -18.21 0.75 -11.41
CA ILE D 143 -17.01 -0.15 -11.44
C ILE D 143 -16.03 0.46 -12.44
N ASN D 144 -14.87 0.90 -11.95
CA ASN D 144 -13.78 1.52 -12.74
C ASN D 144 -12.82 0.40 -13.11
N MET D 145 -12.39 0.33 -14.36
CA MET D 145 -11.27 -0.55 -14.78
C MET D 145 -9.93 0.18 -14.53
N ALA D 146 -9.25 -0.25 -13.48
CA ALA D 146 -7.89 0.16 -13.10
C ALA D 146 -6.94 -0.83 -13.78
N SER D 147 -5.82 -1.19 -13.16
CA SER D 147 -4.81 -2.10 -13.74
C SER D 147 -3.75 -2.35 -12.65
N GLN D 148 -2.97 -3.43 -12.76
CA GLN D 148 -1.73 -3.58 -11.96
C GLN D 148 -0.82 -2.35 -12.21
N ALA D 149 -0.91 -1.73 -13.39
CA ALA D 149 -0.10 -0.54 -13.78
C ALA D 149 -0.37 0.65 -12.84
N GLY D 150 -1.57 0.70 -12.28
CA GLY D 150 -2.00 1.76 -11.37
C GLY D 150 -1.45 1.55 -9.97
N ARG D 151 -0.89 0.40 -9.65
CA ARG D 151 -0.42 0.08 -8.28
C ARG D 151 1.05 0.45 -8.13
N ARG D 152 1.80 0.46 -9.21
CA ARG D 152 3.26 0.72 -9.17
C ARG D 152 3.71 1.12 -10.56
N GLY D 153 4.60 2.10 -10.64
CA GLY D 153 5.20 2.55 -11.89
C GLY D 153 6.14 1.52 -12.48
N GLU D 154 6.43 1.66 -13.76
CA GLU D 154 7.45 0.83 -14.46
C GLU D 154 8.05 1.66 -15.57
N PRO D 155 9.31 1.32 -15.96
CA PRO D 155 10.16 2.20 -16.73
C PRO D 155 9.61 2.66 -18.08
N LEU D 156 8.81 1.84 -18.77
CA LEU D 156 8.37 2.15 -20.16
C LEU D 156 6.91 2.59 -20.24
N VAL D 157 6.22 2.72 -19.11
CA VAL D 157 4.75 2.85 -19.13
C VAL D 157 4.34 3.99 -18.19
N ALA D 158 5.09 5.10 -18.19
CA ALA D 158 4.90 6.16 -17.18
C ALA D 158 3.49 6.75 -17.31
N VAL D 159 3.02 7.01 -18.54
CA VAL D 159 1.76 7.75 -18.84
C VAL D 159 0.57 6.84 -18.49
N TYR D 160 0.59 5.60 -18.98
CA TYR D 160 -0.46 4.57 -18.70
C TYR D 160 -0.51 4.28 -17.18
N CYS D 161 0.61 3.98 -16.54
CA CYS D 161 0.65 3.74 -15.06
C CYS D 161 0.04 4.95 -14.31
N ALA D 162 0.48 6.17 -14.61
CA ALA D 162 0.01 7.37 -13.90
C ALA D 162 -1.50 7.50 -14.08
N SER D 163 -2.01 7.21 -15.28
CA SER D 163 -3.45 7.38 -15.61
C SER D 163 -4.25 6.37 -14.76
N LYS D 164 -3.74 5.17 -14.57
CA LYS D 164 -4.47 4.11 -13.82
C LYS D 164 -4.29 4.34 -12.31
N ALA D 165 -3.21 5.00 -11.90
CA ALA D 165 -3.01 5.37 -10.48
C ALA D 165 -4.07 6.43 -10.12
N ALA D 166 -4.35 7.33 -11.06
CA ALA D 166 -5.40 8.36 -10.93
C ALA D 166 -6.78 7.71 -10.86
N VAL D 167 -7.01 6.63 -11.63
CA VAL D 167 -8.28 5.85 -11.58
C VAL D 167 -8.47 5.25 -10.17
N ILE D 168 -7.46 4.60 -9.60
CA ILE D 168 -7.55 4.05 -8.22
C ILE D 168 -7.94 5.20 -7.26
N SER D 169 -7.23 6.34 -7.34
CA SER D 169 -7.38 7.51 -6.44
C SER D 169 -8.84 7.98 -6.49
N MET D 170 -9.37 8.18 -7.71
CA MET D 170 -10.72 8.75 -7.90
C MET D 170 -11.79 7.71 -7.51
N THR D 171 -11.49 6.43 -7.62
CA THR D 171 -12.36 5.34 -7.09
C THR D 171 -12.48 5.52 -5.58
N GLN D 172 -11.36 5.79 -4.90
CA GLN D 172 -11.33 5.94 -3.42
C GLN D 172 -12.09 7.22 -3.02
N SER D 173 -11.80 8.35 -3.66
CA SER D 173 -12.41 9.67 -3.32
C SER D 173 -13.92 9.61 -3.55
N ALA D 174 -14.32 9.16 -4.76
CA ALA D 174 -15.73 9.06 -5.18
C ALA D 174 -16.45 8.00 -4.33
N GLY D 175 -15.75 6.89 -4.05
CA GLY D 175 -16.24 5.82 -3.14
C GLY D 175 -16.67 6.42 -1.81
N LEU D 176 -15.78 7.18 -1.18
CA LEU D 176 -16.03 7.75 0.17
C LEU D 176 -17.06 8.88 0.04
N GLY D 177 -17.03 9.64 -1.04
CA GLY D 177 -17.96 10.77 -1.25
C GLY D 177 -19.38 10.31 -1.52
N LEU D 178 -19.56 9.19 -2.22
CA LEU D 178 -20.88 8.79 -2.78
C LEU D 178 -21.61 7.75 -1.94
N ILE D 179 -20.94 7.09 -0.99
CA ILE D 179 -21.57 5.93 -0.32
C ILE D 179 -22.78 6.43 0.53
N ARG D 180 -22.81 7.68 1.00
CA ARG D 180 -23.98 8.18 1.79
C ARG D 180 -25.22 8.30 0.88
N HIS D 181 -25.07 8.29 -0.45
CA HIS D 181 -26.22 8.19 -1.40
C HIS D 181 -26.50 6.73 -1.78
N GLY D 182 -25.87 5.76 -1.13
CA GLY D 182 -26.03 4.32 -1.47
C GLY D 182 -25.37 3.98 -2.80
N ILE D 183 -24.40 4.78 -3.24
CA ILE D 183 -23.65 4.44 -4.47
C ILE D 183 -22.35 3.75 -4.06
N ASN D 184 -22.12 2.54 -4.57
CA ASN D 184 -20.86 1.79 -4.36
C ASN D 184 -19.94 2.03 -5.55
N VAL D 185 -18.84 2.71 -5.30
CA VAL D 185 -17.76 2.89 -6.30
C VAL D 185 -16.61 1.96 -5.95
N ASN D 186 -16.23 1.08 -6.85
CA ASN D 186 -15.08 0.16 -6.66
C ASN D 186 -14.38 -0.02 -7.99
N ALA D 187 -13.24 -0.69 -7.96
CA ALA D 187 -12.44 -0.87 -9.17
C ALA D 187 -11.96 -2.32 -9.28
N ILE D 188 -11.85 -2.79 -10.53
CA ILE D 188 -11.15 -4.06 -10.88
C ILE D 188 -9.80 -3.69 -11.50
N ALA D 189 -8.71 -4.29 -11.02
CA ALA D 189 -7.33 -4.11 -11.51
C ALA D 189 -6.88 -5.42 -12.16
N PRO D 190 -7.11 -5.62 -13.46
CA PRO D 190 -6.57 -6.78 -14.16
C PRO D 190 -5.04 -6.80 -14.15
N GLY D 191 -4.47 -7.96 -14.40
CA GLY D 191 -3.01 -8.08 -14.60
C GLY D 191 -2.68 -7.83 -16.05
N VAL D 192 -2.07 -8.79 -16.73
CA VAL D 192 -1.84 -8.79 -18.19
C VAL D 192 -2.93 -9.65 -18.84
N VAL D 193 -3.63 -9.09 -19.83
CA VAL D 193 -4.85 -9.70 -20.43
C VAL D 193 -4.57 -9.93 -21.93
N ASP D 194 -4.94 -11.10 -22.46
CA ASP D 194 -4.76 -11.45 -23.87
C ASP D 194 -6.03 -11.19 -24.66
N VAL D 201 0.87 -1.07 -31.18
CA VAL D 201 1.04 -0.86 -29.70
C VAL D 201 1.96 -1.97 -29.15
N ASP D 202 1.58 -3.25 -29.25
CA ASP D 202 2.38 -4.43 -28.80
C ASP D 202 3.84 -4.38 -29.30
N GLU D 203 3.99 -4.15 -30.61
CA GLU D 203 5.29 -4.18 -31.34
C GLU D 203 6.18 -3.04 -30.83
N HIS D 204 5.70 -1.80 -30.93
CA HIS D 204 6.35 -0.60 -30.37
C HIS D 204 6.77 -0.88 -28.91
N PHE D 205 5.96 -1.59 -28.11
CA PHE D 205 6.27 -1.86 -26.69
C PHE D 205 7.41 -2.90 -26.59
N ALA D 206 7.30 -4.02 -27.27
CA ALA D 206 8.32 -5.11 -27.28
C ALA D 206 9.68 -4.59 -27.75
N ARG D 207 9.69 -3.62 -28.67
CA ARG D 207 10.90 -3.09 -29.33
C ARG D 207 11.82 -2.39 -28.33
N PHE D 208 11.28 -1.75 -27.29
CA PHE D 208 12.07 -1.08 -26.22
C PHE D 208 13.04 -2.08 -25.59
N GLU D 209 12.71 -3.37 -25.48
CA GLU D 209 13.62 -4.39 -24.89
C GLU D 209 14.32 -5.20 -25.99
N GLY D 210 14.23 -4.74 -27.24
CA GLY D 210 14.72 -5.46 -28.42
C GLY D 210 14.04 -6.81 -28.57
N LEU D 211 12.72 -6.86 -28.36
CA LEU D 211 11.90 -8.10 -28.54
C LEU D 211 10.83 -7.90 -29.62
N LYS D 212 10.43 -9.02 -30.24
CA LYS D 212 9.16 -9.16 -31.00
C LYS D 212 8.04 -9.35 -29.98
N PRO D 213 6.79 -8.87 -30.28
CA PRO D 213 5.68 -8.96 -29.34
C PRO D 213 5.39 -10.41 -28.94
N GLY D 214 5.48 -11.34 -29.90
CA GLY D 214 5.41 -12.80 -29.65
C GLY D 214 6.30 -13.21 -28.50
N GLU D 215 7.59 -12.83 -28.55
CA GLU D 215 8.58 -13.21 -27.51
C GLU D 215 8.18 -12.56 -26.18
N LYS D 216 7.81 -11.29 -26.23
CA LYS D 216 7.35 -10.51 -25.06
C LYS D 216 6.18 -11.23 -24.32
N LYS D 217 5.11 -11.58 -25.03
CA LYS D 217 3.84 -12.13 -24.46
C LYS D 217 4.12 -13.44 -23.75
N LYS D 218 4.96 -14.27 -24.34
CA LYS D 218 5.41 -15.57 -23.77
C LYS D 218 6.14 -15.34 -22.44
N LEU D 219 7.16 -14.48 -22.40
CA LEU D 219 7.93 -14.14 -21.17
C LEU D 219 6.98 -13.61 -20.08
N VAL D 220 6.05 -12.73 -20.45
CA VAL D 220 5.07 -12.09 -19.50
C VAL D 220 4.08 -13.16 -19.01
N GLY D 221 3.56 -14.00 -19.92
CA GLY D 221 2.66 -15.12 -19.62
C GLY D 221 3.25 -16.06 -18.58
N ALA D 222 4.47 -16.53 -18.83
CA ALA D 222 5.22 -17.51 -18.01
C ALA D 222 5.48 -16.96 -16.61
N ALA D 223 5.61 -15.64 -16.45
CA ALA D 223 5.98 -15.01 -15.16
C ALA D 223 4.73 -14.81 -14.30
N VAL D 224 3.53 -15.00 -14.85
CA VAL D 224 2.27 -14.90 -14.06
C VAL D 224 2.22 -16.14 -13.16
N PRO D 225 2.16 -15.97 -11.82
CA PRO D 225 2.17 -17.10 -10.91
C PRO D 225 1.13 -18.17 -11.30
N PHE D 226 -0.06 -17.74 -11.72
CA PHE D 226 -1.14 -18.64 -12.16
C PHE D 226 -0.68 -19.50 -13.36
N GLY D 227 0.22 -18.96 -14.19
CA GLY D 227 0.87 -19.73 -15.27
C GLY D 227 0.43 -19.33 -16.67
N ARG D 228 -0.41 -18.29 -16.84
CA ARG D 228 -0.83 -17.78 -18.17
C ARG D 228 -1.33 -16.33 -18.07
N MET D 229 -1.32 -15.64 -19.21
CA MET D 229 -1.94 -14.31 -19.32
C MET D 229 -3.44 -14.48 -19.07
N GLY D 230 -4.09 -13.40 -18.65
CA GLY D 230 -5.53 -13.37 -18.35
C GLY D 230 -6.37 -13.35 -19.62
N VAL D 231 -7.59 -13.81 -19.51
CA VAL D 231 -8.64 -13.66 -20.56
C VAL D 231 -9.79 -12.88 -19.90
N ALA D 232 -10.69 -12.31 -20.69
CA ALA D 232 -11.79 -11.45 -20.21
C ALA D 232 -12.64 -12.22 -19.18
N SER D 233 -12.88 -13.50 -19.42
CA SER D 233 -13.72 -14.36 -18.55
C SER D 233 -13.09 -14.60 -17.16
N ASP D 234 -11.81 -14.27 -16.92
CA ASP D 234 -11.25 -14.27 -15.55
C ASP D 234 -11.89 -13.15 -14.69
N LEU D 235 -12.39 -12.11 -15.38
CA LEU D 235 -12.76 -10.79 -14.80
C LEU D 235 -14.27 -10.66 -14.63
N THR D 236 -15.04 -11.43 -15.40
CA THR D 236 -16.51 -11.30 -15.46
C THR D 236 -17.14 -11.60 -14.10
N GLY D 237 -16.63 -12.60 -13.37
CA GLY D 237 -17.16 -12.92 -12.02
C GLY D 237 -17.14 -11.70 -11.10
N MET D 238 -16.00 -10.99 -11.05
CA MET D 238 -15.83 -9.83 -10.14
C MET D 238 -16.72 -8.66 -10.61
N ALA D 239 -16.81 -8.44 -11.92
CA ALA D 239 -17.68 -7.41 -12.56
C ALA D 239 -19.14 -7.62 -12.16
N ILE D 240 -19.61 -8.89 -12.09
CA ILE D 240 -20.99 -9.19 -11.65
C ILE D 240 -21.08 -8.98 -10.12
N PHE D 241 -20.15 -9.59 -9.37
CA PHE D 241 -20.17 -9.55 -7.89
C PHE D 241 -20.32 -8.11 -7.40
N LEU D 242 -19.48 -7.19 -7.89
CA LEU D 242 -19.41 -5.79 -7.40
C LEU D 242 -20.69 -5.01 -7.73
N ALA D 243 -21.51 -5.52 -8.64
CA ALA D 243 -22.78 -4.91 -9.06
C ALA D 243 -23.96 -5.52 -8.28
N THR D 244 -23.74 -6.39 -7.29
CA THR D 244 -24.82 -7.07 -6.51
C THR D 244 -24.84 -6.61 -5.05
N ALA D 245 -25.94 -6.94 -4.36
CA ALA D 245 -26.24 -6.59 -2.95
C ALA D 245 -25.19 -7.28 -2.07
N GLU D 246 -24.55 -8.36 -2.55
CA GLU D 246 -23.55 -9.13 -1.75
C GLU D 246 -22.28 -8.28 -1.56
N ALA D 247 -22.15 -7.23 -2.38
CA ALA D 247 -21.05 -6.25 -2.32
C ALA D 247 -21.48 -4.91 -1.73
N GLU D 248 -22.61 -4.81 -1.04
CA GLU D 248 -23.12 -3.47 -0.60
C GLU D 248 -22.15 -2.79 0.40
N TYR D 249 -21.35 -3.53 1.17
CA TYR D 249 -20.48 -2.94 2.23
C TYR D 249 -19.06 -2.72 1.66
N ILE D 250 -18.87 -2.99 0.37
CA ILE D 250 -17.56 -2.79 -0.33
C ILE D 250 -17.52 -1.38 -0.94
N VAL D 251 -16.58 -0.56 -0.46
CA VAL D 251 -16.57 0.91 -0.69
C VAL D 251 -15.15 1.37 -1.01
N GLY D 252 -14.95 1.91 -2.21
CA GLY D 252 -13.71 2.58 -2.63
C GLY D 252 -12.57 1.59 -2.84
N GLN D 253 -12.85 0.30 -2.96
CA GLN D 253 -11.75 -0.71 -3.02
C GLN D 253 -11.31 -0.90 -4.47
N THR D 254 -10.08 -1.35 -4.66
CA THR D 254 -9.56 -1.83 -5.97
C THR D 254 -9.14 -3.29 -5.76
N PHE D 255 -9.70 -4.22 -6.53
CA PHE D 255 -9.46 -5.66 -6.35
C PHE D 255 -8.67 -6.21 -7.56
N GLY D 256 -7.47 -6.71 -7.26
CA GLY D 256 -6.56 -7.33 -8.23
C GLY D 256 -7.08 -8.68 -8.66
N VAL D 257 -7.37 -8.80 -9.95
CA VAL D 257 -7.71 -10.10 -10.62
C VAL D 257 -6.61 -10.35 -11.65
N ASP D 258 -5.51 -10.92 -11.21
CA ASP D 258 -4.27 -10.79 -11.96
C ASP D 258 -3.36 -12.00 -11.94
N GLY D 259 -3.88 -13.16 -11.48
CA GLY D 259 -3.11 -14.43 -11.47
C GLY D 259 -1.95 -14.42 -10.49
N GLY D 260 -1.92 -13.45 -9.57
CA GLY D 260 -0.82 -13.27 -8.61
C GLY D 260 0.26 -12.34 -9.17
N ASN D 261 0.04 -11.70 -10.32
CA ASN D 261 1.06 -10.84 -10.97
C ASN D 261 1.31 -9.60 -10.11
N TRP D 262 0.38 -9.23 -9.23
CA TRP D 262 0.56 -8.17 -8.20
C TRP D 262 -0.19 -8.61 -6.94
N LEU D 263 0.17 -8.03 -5.78
CA LEU D 263 -0.38 -8.38 -4.45
C LEU D 263 -0.91 -7.10 -3.78
N ALA D 264 -2.15 -7.11 -3.32
CA ALA D 264 -2.81 -5.98 -2.62
C ALA D 264 -3.98 -6.51 -1.77
#